data_7YAN
#
_entry.id   7YAN
#
_cell.length_a   38.150
_cell.length_b   57.308
_cell.length_c   74.074
_cell.angle_alpha   99.245
_cell.angle_beta   94.715
_cell.angle_gamma   90.118
#
_symmetry.space_group_name_H-M   'P 1'
#
loop_
_entity.id
_entity.type
_entity.pdbx_description
1 polymer 'UDP-glucuronosyltransferase 2B17'
2 non-polymer 'L(+)-TARTARIC ACID'
3 water water
#
_entity_poly.entity_id   1
_entity_poly.type   'polypeptide(L)'
_entity_poly.pdbx_seq_one_letter_code
;MGHHHHHHENLYFQGHMASMKPAKPLPKEMEEFVQSSGENGIVVFSLGSMISNMSEESANMIASALAQIPQKVLWRFDGK
KPNTLGSNTRLYKWLPQNDLLGHPKTKAFITHGGTNGIYEAIYHGIPMVGIPLFADQHDNIAHMKAKGAALSVDIRTMSS
RDLLNALKSVINDPIYKENIMKLSRIHH
;
_entity_poly.pdbx_strand_id   A,B,C,D
#
loop_
_chem_comp.id
_chem_comp.type
_chem_comp.name
_chem_comp.formula
TLA non-polymer 'L(+)-TARTARIC ACID' 'C4 H6 O6'
#
# COMPACT_ATOMS: atom_id res chain seq x y z
CA LYS A 21 -5.59 5.98 -12.49
C LYS A 21 -5.90 6.95 -13.61
N PRO A 22 -4.87 7.37 -14.39
CA PRO A 22 -5.06 8.18 -15.59
C PRO A 22 -6.08 7.52 -16.53
N ALA A 23 -6.76 8.30 -17.36
CA ALA A 23 -7.78 7.78 -18.30
C ALA A 23 -7.27 7.96 -19.73
N LYS A 24 -7.06 6.85 -20.42
CA LYS A 24 -6.76 6.80 -21.87
C LYS A 24 -8.08 6.85 -22.63
N PRO A 25 -8.06 7.19 -23.95
CA PRO A 25 -9.30 7.41 -24.70
C PRO A 25 -10.09 6.10 -24.87
N LEU A 26 -11.36 6.23 -25.26
CA LEU A 26 -12.28 5.10 -25.53
C LEU A 26 -12.07 4.58 -26.95
N PRO A 27 -12.59 3.36 -27.25
CA PRO A 27 -12.79 2.92 -28.63
C PRO A 27 -13.68 3.90 -29.42
N LYS A 28 -13.33 4.18 -30.68
CA LYS A 28 -14.02 5.16 -31.57
C LYS A 28 -15.54 5.00 -31.48
N GLU A 29 -16.03 3.77 -31.56
CA GLU A 29 -17.50 3.48 -31.66
C GLU A 29 -18.17 3.92 -30.34
N MET A 30 -17.53 3.61 -29.21
CA MET A 30 -17.96 3.94 -27.84
C MET A 30 -17.79 5.45 -27.58
N GLU A 31 -16.91 6.12 -28.33
CA GLU A 31 -16.69 7.58 -28.23
C GLU A 31 -17.79 8.30 -29.01
N GLU A 32 -18.18 7.79 -30.17
CA GLU A 32 -19.30 8.35 -30.97
C GLU A 32 -20.54 8.42 -30.06
N PHE A 33 -20.92 7.28 -29.48
CA PHE A 33 -22.07 7.14 -28.54
C PHE A 33 -21.93 8.17 -27.41
N VAL A 34 -20.86 8.07 -26.62
CA VAL A 34 -20.63 8.96 -25.45
C VAL A 34 -20.82 10.42 -25.88
N GLN A 35 -20.35 10.79 -27.08
CA GLN A 35 -20.40 12.20 -27.61
C GLN A 35 -21.85 12.56 -27.97
N SER A 36 -22.71 11.56 -28.16
CA SER A 36 -24.12 11.71 -28.60
C SER A 36 -25.04 12.00 -27.41
N SER A 37 -24.48 12.34 -26.25
CA SER A 37 -25.19 12.72 -25.00
C SER A 37 -25.18 14.26 -24.82
N GLY A 38 -24.51 14.97 -25.73
CA GLY A 38 -24.35 16.43 -25.70
C GLY A 38 -24.19 16.94 -24.28
N GLU A 39 -25.09 17.83 -23.85
CA GLU A 39 -25.01 18.55 -22.56
C GLU A 39 -25.79 17.79 -21.48
N ASN A 40 -26.23 16.55 -21.77
CA ASN A 40 -26.80 15.60 -20.76
C ASN A 40 -25.69 14.79 -20.08
N GLY A 41 -24.68 14.39 -20.85
CA GLY A 41 -23.57 13.54 -20.39
C GLY A 41 -24.01 12.09 -20.23
N ILE A 42 -23.19 11.26 -19.59
CA ILE A 42 -23.39 9.79 -19.58
C ILE A 42 -23.48 9.24 -18.15
N VAL A 43 -24.15 8.10 -18.05
CA VAL A 43 -24.14 7.21 -16.85
C VAL A 43 -23.43 5.92 -17.25
N VAL A 44 -22.57 5.44 -16.38
CA VAL A 44 -21.88 4.13 -16.54
C VAL A 44 -22.50 3.23 -15.48
N PHE A 45 -23.03 2.07 -15.91
CA PHE A 45 -23.41 0.95 -15.03
C PHE A 45 -22.40 -0.18 -15.32
N SER A 46 -21.48 -0.40 -14.36
CA SER A 46 -20.31 -1.30 -14.43
C SER A 46 -19.92 -1.70 -13.01
N LEU A 47 -19.60 -2.99 -12.76
CA LEU A 47 -19.71 -4.07 -13.72
C LEU A 47 -21.16 -4.58 -13.79
N GLY A 48 -21.92 -4.41 -12.72
CA GLY A 48 -23.21 -5.10 -12.51
C GLY A 48 -23.01 -6.57 -12.68
N SER A 49 -21.98 -7.11 -12.04
CA SER A 49 -21.44 -8.49 -12.24
C SER A 49 -22.47 -9.53 -11.79
N MET A 50 -23.44 -9.11 -10.98
CA MET A 50 -24.40 -10.04 -10.31
C MET A 50 -25.78 -9.91 -10.94
N ILE A 51 -25.93 -9.08 -11.98
CA ILE A 51 -27.23 -8.82 -12.65
C ILE A 51 -27.74 -10.11 -13.28
N SER A 52 -26.81 -10.92 -13.82
CA SER A 52 -27.04 -12.24 -14.46
C SER A 52 -27.72 -13.22 -13.49
N ASN A 53 -27.50 -13.09 -12.18
CA ASN A 53 -27.94 -14.10 -11.19
C ASN A 53 -29.23 -13.63 -10.50
N MET A 54 -29.78 -12.47 -10.90
CA MET A 54 -31.11 -11.99 -10.43
C MET A 54 -32.10 -12.12 -11.59
N SER A 55 -33.41 -12.01 -11.29
CA SER A 55 -34.54 -12.32 -12.22
C SER A 55 -34.49 -11.38 -13.44
N GLU A 56 -35.21 -11.74 -14.51
CA GLU A 56 -35.41 -10.93 -15.74
C GLU A 56 -36.10 -9.62 -15.39
N GLU A 57 -37.10 -9.64 -14.49
CA GLU A 57 -37.94 -8.45 -14.19
C GLU A 57 -37.09 -7.40 -13.48
N SER A 58 -36.06 -7.86 -12.75
CA SER A 58 -35.11 -6.99 -12.01
C SER A 58 -34.41 -6.08 -13.02
N ALA A 59 -33.78 -6.68 -14.04
CA ALA A 59 -33.17 -5.99 -15.20
C ALA A 59 -34.18 -5.04 -15.85
N ASN A 60 -35.43 -5.51 -16.06
CA ASN A 60 -36.51 -4.77 -16.76
C ASN A 60 -36.90 -3.53 -15.95
N MET A 61 -36.85 -3.63 -14.61
CA MET A 61 -37.10 -2.50 -13.66
C MET A 61 -36.00 -1.45 -13.80
N ILE A 62 -34.76 -1.89 -13.67
CA ILE A 62 -33.53 -1.04 -13.77
C ILE A 62 -33.55 -0.35 -15.14
N ALA A 63 -33.66 -1.13 -16.22
CA ALA A 63 -33.76 -0.62 -17.62
C ALA A 63 -34.86 0.45 -17.69
N SER A 64 -35.97 0.27 -16.98
CA SER A 64 -37.11 1.22 -17.01
C SER A 64 -36.73 2.53 -16.33
N ALA A 65 -35.88 2.51 -15.30
CA ALA A 65 -35.37 3.72 -14.62
C ALA A 65 -34.30 4.41 -15.49
N LEU A 66 -33.43 3.65 -16.15
CA LEU A 66 -32.35 4.19 -17.04
C LEU A 66 -32.94 4.84 -18.28
N ALA A 67 -34.07 4.36 -18.80
CA ALA A 67 -34.69 4.85 -20.06
C ALA A 67 -35.32 6.23 -19.85
N GLN A 68 -35.60 6.60 -18.59
CA GLN A 68 -36.44 7.79 -18.24
C GLN A 68 -35.54 9.01 -17.94
N ILE A 69 -34.34 9.04 -18.50
CA ILE A 69 -33.30 10.03 -18.14
C ILE A 69 -32.63 10.50 -19.43
N PRO A 70 -32.47 11.82 -19.63
CA PRO A 70 -31.93 12.37 -20.87
C PRO A 70 -30.47 11.95 -21.16
N GLN A 71 -29.74 11.54 -20.13
CA GLN A 71 -28.35 11.01 -20.29
C GLN A 71 -28.36 9.78 -21.20
N LYS A 72 -27.28 9.62 -21.97
CA LYS A 72 -26.88 8.32 -22.53
C LYS A 72 -26.25 7.50 -21.39
N VAL A 73 -26.39 6.19 -21.49
CA VAL A 73 -26.08 5.20 -20.43
C VAL A 73 -25.33 4.05 -21.09
N LEU A 74 -24.16 3.69 -20.58
CA LEU A 74 -23.40 2.48 -20.98
C LEU A 74 -23.49 1.49 -19.83
N TRP A 75 -24.12 0.34 -20.08
CA TRP A 75 -24.41 -0.69 -19.06
C TRP A 75 -23.59 -1.94 -19.38
N ARG A 76 -22.66 -2.31 -18.49
CA ARG A 76 -21.85 -3.56 -18.56
C ARG A 76 -22.79 -4.70 -18.19
N PHE A 77 -23.11 -5.57 -19.16
CA PHE A 77 -24.26 -6.52 -19.14
C PHE A 77 -23.98 -7.68 -20.10
N ASP A 78 -24.43 -8.90 -19.76
CA ASP A 78 -24.04 -10.14 -20.50
C ASP A 78 -25.13 -11.22 -20.47
N GLY A 79 -26.40 -10.88 -20.21
CA GLY A 79 -27.52 -11.84 -20.32
C GLY A 79 -28.52 -11.47 -21.41
N LYS A 80 -29.80 -11.76 -21.16
CA LYS A 80 -30.91 -11.57 -22.13
C LYS A 80 -31.27 -10.10 -22.18
N LYS A 81 -31.09 -9.43 -23.33
CA LYS A 81 -31.45 -7.99 -23.50
C LYS A 81 -32.75 -7.72 -22.76
N PRO A 82 -32.80 -6.74 -21.83
CA PRO A 82 -34.04 -6.37 -21.17
C PRO A 82 -35.02 -5.76 -22.18
N ASN A 83 -36.31 -6.07 -22.05
CA ASN A 83 -37.35 -5.71 -23.07
C ASN A 83 -37.92 -4.32 -22.78
N THR A 84 -37.56 -3.71 -21.65
CA THR A 84 -37.84 -2.28 -21.33
C THR A 84 -36.56 -1.43 -21.47
N LEU A 85 -35.55 -1.88 -22.23
CA LEU A 85 -34.29 -1.14 -22.51
C LEU A 85 -34.64 0.19 -23.21
N GLY A 86 -33.97 1.29 -22.86
CA GLY A 86 -34.13 2.58 -23.54
C GLY A 86 -33.26 2.69 -24.79
N SER A 87 -33.59 3.63 -25.68
CA SER A 87 -32.73 4.10 -26.81
C SER A 87 -31.49 4.82 -26.26
N ASN A 88 -31.57 5.40 -25.06
CA ASN A 88 -30.41 6.08 -24.41
C ASN A 88 -29.44 5.03 -23.86
N THR A 89 -29.86 3.77 -23.72
CA THR A 89 -29.11 2.72 -22.96
C THR A 89 -28.55 1.68 -23.93
N ARG A 90 -27.25 1.42 -23.86
CA ARG A 90 -26.57 0.38 -24.65
C ARG A 90 -25.93 -0.63 -23.70
N LEU A 91 -26.07 -1.92 -24.02
CA LEU A 91 -25.50 -3.10 -23.33
C LEU A 91 -24.15 -3.46 -23.93
N TYR A 92 -23.16 -3.76 -23.09
CA TYR A 92 -21.76 -4.15 -23.46
C TYR A 92 -21.29 -5.29 -22.55
N LYS A 93 -20.76 -6.38 -23.10
CA LYS A 93 -20.23 -7.52 -22.28
C LYS A 93 -18.96 -7.09 -21.51
N TRP A 94 -18.21 -6.13 -22.04
CA TRP A 94 -17.01 -5.52 -21.42
C TRP A 94 -17.10 -3.99 -21.49
N LEU A 95 -16.68 -3.27 -20.45
CA LEU A 95 -16.48 -1.79 -20.52
C LEU A 95 -15.08 -1.45 -20.02
N PRO A 96 -14.44 -0.39 -20.59
CA PRO A 96 -13.31 0.29 -19.96
C PRO A 96 -13.77 1.27 -18.86
N GLN A 97 -14.30 0.69 -17.77
CA GLN A 97 -14.94 1.42 -16.67
C GLN A 97 -14.09 2.65 -16.31
N ASN A 98 -12.78 2.49 -16.17
CA ASN A 98 -11.87 3.54 -15.65
C ASN A 98 -11.77 4.69 -16.65
N ASP A 99 -11.62 4.40 -17.94
CA ASP A 99 -11.60 5.43 -19.01
C ASP A 99 -12.95 6.17 -19.11
N LEU A 100 -14.08 5.48 -18.85
CA LEU A 100 -15.44 6.09 -18.90
C LEU A 100 -15.59 7.06 -17.72
N LEU A 101 -15.28 6.60 -16.52
CA LEU A 101 -15.36 7.42 -15.28
C LEU A 101 -14.48 8.67 -15.45
N GLY A 102 -13.32 8.49 -16.07
CA GLY A 102 -12.40 9.58 -16.45
C GLY A 102 -13.06 10.59 -17.36
N HIS A 103 -13.83 10.14 -18.34
CA HIS A 103 -14.31 10.98 -19.48
C HIS A 103 -14.97 12.24 -18.91
N PRO A 104 -14.74 13.43 -19.50
CA PRO A 104 -15.32 14.66 -18.97
C PRO A 104 -16.86 14.73 -19.08
N LYS A 105 -17.47 13.83 -19.85
CA LYS A 105 -18.93 13.79 -20.11
C LYS A 105 -19.67 12.94 -19.06
N THR A 106 -18.97 12.25 -18.15
CA THR A 106 -19.59 11.35 -17.13
C THR A 106 -20.23 12.18 -16.02
N LYS A 107 -21.45 11.81 -15.62
CA LYS A 107 -22.27 12.45 -14.55
C LYS A 107 -22.42 11.49 -13.36
N ALA A 108 -22.63 10.20 -13.60
CA ALA A 108 -23.01 9.23 -12.55
C ALA A 108 -22.47 7.84 -12.88
N PHE A 109 -22.07 7.15 -11.80
CA PHE A 109 -21.58 5.76 -11.77
C PHE A 109 -22.63 4.94 -11.02
N ILE A 110 -23.13 3.87 -11.63
CA ILE A 110 -24.01 2.88 -10.94
C ILE A 110 -23.16 1.63 -10.71
N THR A 111 -23.06 1.18 -9.46
CA THR A 111 -22.22 -0.01 -9.10
C THR A 111 -22.82 -0.81 -7.93
N HIS A 112 -22.56 -2.12 -7.89
CA HIS A 112 -22.89 -3.02 -6.76
C HIS A 112 -22.12 -2.58 -5.48
N GLY A 113 -21.04 -1.81 -5.62
CA GLY A 113 -20.36 -1.13 -4.51
C GLY A 113 -19.10 -1.83 -4.06
N GLY A 114 -18.57 -2.76 -4.87
CA GLY A 114 -17.28 -3.43 -4.62
C GLY A 114 -16.19 -2.40 -4.45
N THR A 115 -15.12 -2.74 -3.74
CA THR A 115 -14.13 -1.73 -3.30
C THR A 115 -13.52 -1.08 -4.54
N ASN A 116 -13.11 -1.91 -5.50
CA ASN A 116 -12.38 -1.48 -6.73
C ASN A 116 -13.11 -0.32 -7.43
N GLY A 117 -14.40 -0.49 -7.76
CA GLY A 117 -15.21 0.49 -8.52
C GLY A 117 -15.32 1.82 -7.78
N ILE A 118 -15.44 1.79 -6.44
CA ILE A 118 -15.61 3.01 -5.60
C ILE A 118 -14.29 3.78 -5.61
N TYR A 119 -13.17 3.11 -5.84
CA TYR A 119 -11.82 3.74 -5.89
C TYR A 119 -11.66 4.58 -7.16
N GLU A 120 -12.09 4.07 -8.32
CA GLU A 120 -11.96 4.81 -9.60
C GLU A 120 -12.92 6.01 -9.55
N ALA A 121 -14.14 5.81 -9.05
CA ALA A 121 -15.18 6.88 -8.88
C ALA A 121 -14.65 7.98 -7.97
N ILE A 122 -14.02 7.62 -6.85
CA ILE A 122 -13.37 8.63 -5.96
C ILE A 122 -12.30 9.34 -6.80
N TYR A 123 -11.42 8.57 -7.45
CA TYR A 123 -10.26 9.18 -8.16
C TYR A 123 -10.76 10.25 -9.14
N HIS A 124 -11.92 10.07 -9.77
CA HIS A 124 -12.31 10.79 -11.01
C HIS A 124 -13.39 11.84 -10.74
N GLY A 125 -14.02 11.82 -9.54
CA GLY A 125 -15.00 12.82 -9.09
C GLY A 125 -16.41 12.47 -9.55
N ILE A 126 -16.71 11.19 -9.75
CA ILE A 126 -18.03 10.72 -10.27
C ILE A 126 -18.89 10.23 -9.11
N PRO A 127 -20.00 10.94 -8.79
CA PRO A 127 -20.97 10.44 -7.81
C PRO A 127 -21.70 9.18 -8.26
N MET A 128 -22.27 8.41 -7.31
CA MET A 128 -22.75 7.02 -7.55
C MET A 128 -24.19 6.78 -7.03
N VAL A 129 -24.89 5.85 -7.67
CA VAL A 129 -26.00 5.08 -7.06
C VAL A 129 -25.49 3.65 -6.85
N GLY A 130 -25.45 3.23 -5.59
CA GLY A 130 -25.17 1.84 -5.20
C GLY A 130 -26.42 0.99 -5.32
N ILE A 131 -26.26 -0.24 -5.80
CA ILE A 131 -27.29 -1.32 -5.78
C ILE A 131 -26.65 -2.54 -5.13
N PRO A 132 -26.21 -2.46 -3.85
CA PRO A 132 -25.46 -3.55 -3.21
C PRO A 132 -26.25 -4.83 -2.93
N LEU A 133 -25.57 -5.97 -2.88
CA LEU A 133 -26.15 -7.33 -2.63
C LEU A 133 -25.50 -8.03 -1.44
N PHE A 134 -24.22 -7.72 -1.15
CA PHE A 134 -23.43 -8.33 -0.05
C PHE A 134 -23.08 -7.26 0.97
N ALA A 135 -22.55 -7.69 2.13
CA ALA A 135 -22.22 -6.85 3.30
C ALA A 135 -21.10 -5.86 2.96
N ASP A 136 -20.02 -6.34 2.33
CA ASP A 136 -18.85 -5.46 1.99
C ASP A 136 -19.39 -4.34 1.10
N GLN A 137 -20.27 -4.67 0.16
CA GLN A 137 -20.96 -3.73 -0.78
C GLN A 137 -21.97 -2.86 -0.01
N HIS A 138 -22.78 -3.44 0.87
CA HIS A 138 -23.73 -2.71 1.76
C HIS A 138 -22.96 -1.68 2.61
N ASP A 139 -21.76 -2.04 3.12
CA ASP A 139 -20.91 -1.15 3.95
C ASP A 139 -20.31 -0.05 3.07
N ASN A 140 -19.56 -0.43 2.03
CA ASN A 140 -18.84 0.52 1.16
C ASN A 140 -19.82 1.61 0.71
N ILE A 141 -21.06 1.23 0.33
CA ILE A 141 -22.08 2.18 -0.20
C ILE A 141 -22.60 3.05 0.97
N ALA A 142 -22.72 2.49 2.17
CA ALA A 142 -23.26 3.20 3.37
C ALA A 142 -22.26 4.28 3.80
N HIS A 143 -20.96 4.02 3.62
CA HIS A 143 -19.87 4.99 3.84
C HIS A 143 -20.04 6.14 2.85
N MET A 144 -19.94 5.81 1.56
CA MET A 144 -20.15 6.75 0.43
C MET A 144 -21.44 7.57 0.64
N LYS A 145 -22.52 6.94 1.06
CA LYS A 145 -23.81 7.65 1.25
C LYS A 145 -23.63 8.74 2.33
N ALA A 146 -23.02 8.37 3.47
CA ALA A 146 -22.79 9.25 4.64
C ALA A 146 -21.77 10.34 4.33
N LYS A 147 -20.84 10.12 3.38
CA LYS A 147 -19.90 11.16 2.91
C LYS A 147 -20.63 12.11 1.96
N GLY A 148 -21.92 11.85 1.69
CA GLY A 148 -22.75 12.57 0.70
C GLY A 148 -22.27 12.34 -0.71
N ALA A 149 -21.67 11.17 -0.99
CA ALA A 149 -20.93 10.83 -2.24
C ALA A 149 -21.76 9.89 -3.13
N ALA A 150 -22.87 9.37 -2.62
CA ALA A 150 -23.73 8.37 -3.30
C ALA A 150 -25.10 8.26 -2.65
N LEU A 151 -26.08 7.79 -3.41
CA LEU A 151 -27.33 7.18 -2.90
C LEU A 151 -27.28 5.68 -3.22
N SER A 152 -28.29 4.94 -2.75
CA SER A 152 -28.37 3.46 -2.73
C SER A 152 -29.81 3.04 -2.97
N VAL A 153 -30.01 1.80 -3.40
CA VAL A 153 -31.31 1.28 -3.91
C VAL A 153 -31.39 -0.22 -3.59
N ASP A 154 -32.57 -0.83 -3.84
CA ASP A 154 -32.86 -2.29 -3.78
C ASP A 154 -32.72 -2.72 -2.33
N ILE A 155 -32.12 -3.89 -2.07
CA ILE A 155 -32.19 -4.55 -0.74
C ILE A 155 -33.68 -4.55 -0.39
N ARG A 156 -34.10 -3.60 0.45
CA ARG A 156 -35.52 -3.36 0.80
C ARG A 156 -36.29 -3.12 -0.52
N THR A 157 -37.47 -3.76 -0.65
CA THR A 157 -38.36 -3.69 -1.84
C THR A 157 -37.50 -3.34 -3.06
N MET A 158 -37.82 -2.24 -3.76
CA MET A 158 -37.20 -1.75 -5.02
C MET A 158 -38.31 -1.61 -6.07
N SER A 159 -38.56 -0.37 -6.53
CA SER A 159 -39.34 -0.04 -7.75
C SER A 159 -38.47 0.82 -8.68
N SER A 160 -38.77 0.84 -9.99
CA SER A 160 -38.06 1.65 -11.03
C SER A 160 -37.88 3.10 -10.53
N ARG A 161 -38.95 3.70 -10.01
CA ARG A 161 -39.00 5.12 -9.58
C ARG A 161 -37.99 5.39 -8.46
N ASP A 162 -37.70 4.41 -7.60
CA ASP A 162 -36.68 4.59 -6.53
C ASP A 162 -35.33 4.81 -7.22
N LEU A 163 -35.02 3.99 -8.21
CA LEU A 163 -33.73 4.04 -8.95
C LEU A 163 -33.69 5.32 -9.80
N LEU A 164 -34.85 5.74 -10.29
CA LEU A 164 -34.95 7.00 -11.11
C LEU A 164 -34.70 8.23 -10.21
N ASN A 165 -35.42 8.29 -9.09
CA ASN A 165 -35.30 9.40 -8.11
C ASN A 165 -33.83 9.49 -7.68
N ALA A 166 -33.26 8.36 -7.29
CA ALA A 166 -31.83 8.30 -6.91
C ALA A 166 -31.00 8.91 -8.05
N LEU A 167 -31.15 8.38 -9.27
CA LEU A 167 -30.34 8.81 -10.44
C LEU A 167 -30.44 10.33 -10.60
N LYS A 168 -31.64 10.87 -10.83
CA LYS A 168 -31.84 12.33 -11.07
C LYS A 168 -31.09 13.14 -9.99
N SER A 169 -31.27 12.83 -8.71
CA SER A 169 -30.59 13.50 -7.56
C SER A 169 -29.06 13.57 -7.76
N VAL A 170 -28.40 12.44 -8.05
CA VAL A 170 -26.92 12.31 -8.16
C VAL A 170 -26.43 12.95 -9.46
N ILE A 171 -27.16 12.79 -10.56
CA ILE A 171 -26.81 13.39 -11.87
C ILE A 171 -26.93 14.91 -11.76
N ASN A 172 -27.94 15.42 -11.05
CA ASN A 172 -28.47 16.80 -11.28
C ASN A 172 -28.11 17.74 -10.13
N ASP A 173 -28.15 17.27 -8.88
CA ASP A 173 -27.80 18.04 -7.66
C ASP A 173 -26.28 18.08 -7.55
N PRO A 174 -25.60 19.22 -7.82
CA PRO A 174 -24.13 19.25 -7.84
C PRO A 174 -23.45 18.94 -6.50
N ILE A 175 -24.21 18.87 -5.41
CA ILE A 175 -23.68 18.58 -4.04
C ILE A 175 -22.99 17.20 -4.03
N TYR A 176 -23.67 16.16 -4.51
CA TYR A 176 -23.16 14.76 -4.55
C TYR A 176 -21.78 14.70 -5.22
N LYS A 177 -21.57 15.49 -6.27
CA LYS A 177 -20.25 15.63 -6.91
C LYS A 177 -19.31 16.32 -5.92
N GLU A 178 -19.65 17.54 -5.51
CA GLU A 178 -18.82 18.33 -4.56
C GLU A 178 -18.25 17.41 -3.48
N ASN A 179 -19.06 16.50 -2.95
CA ASN A 179 -18.74 15.64 -1.78
C ASN A 179 -17.70 14.59 -2.17
N ILE A 180 -17.84 13.98 -3.35
CA ILE A 180 -16.95 12.89 -3.88
C ILE A 180 -15.60 13.50 -4.30
N MET A 181 -15.57 14.79 -4.65
CA MET A 181 -14.33 15.47 -5.09
C MET A 181 -13.56 16.07 -3.90
N LYS A 182 -14.20 16.14 -2.73
CA LYS A 182 -13.52 16.37 -1.43
C LYS A 182 -12.79 15.08 -1.02
N LEU A 183 -13.33 13.90 -1.37
CA LEU A 183 -12.70 12.58 -1.05
C LEU A 183 -11.43 12.39 -1.91
N SER A 184 -11.32 13.05 -3.07
CA SER A 184 -10.10 13.04 -3.92
C SER A 184 -9.53 14.46 -4.03
CA LYS B 21 -7.86 -1.72 -25.89
C LYS B 21 -6.47 -1.43 -25.32
N PRO B 22 -5.83 -0.32 -25.76
CA PRO B 22 -4.40 -0.11 -25.55
C PRO B 22 -4.10 -0.07 -24.04
N ALA B 23 -2.92 -0.52 -23.61
CA ALA B 23 -2.55 -0.57 -22.18
C ALA B 23 -1.63 0.61 -21.90
N LYS B 24 -1.85 1.28 -20.79
CA LYS B 24 -1.06 2.47 -20.41
C LYS B 24 -0.10 2.01 -19.31
N PRO B 25 0.98 2.77 -19.03
CA PRO B 25 1.90 2.40 -17.95
C PRO B 25 1.19 2.18 -16.60
N LEU B 26 1.88 1.57 -15.63
CA LEU B 26 1.36 1.33 -14.26
C LEU B 26 1.77 2.48 -13.35
N PRO B 27 1.08 2.74 -12.21
CA PRO B 27 1.67 3.55 -11.15
C PRO B 27 3.09 3.06 -10.81
N LYS B 28 4.00 4.01 -10.54
CA LYS B 28 5.45 3.79 -10.27
C LYS B 28 5.66 2.66 -9.26
N GLU B 29 5.10 2.81 -8.07
CA GLU B 29 5.34 1.92 -6.89
C GLU B 29 4.95 0.48 -7.27
N MET B 30 4.03 0.36 -8.23
CA MET B 30 3.43 -0.91 -8.70
C MET B 30 4.30 -1.48 -9.84
N GLU B 31 4.67 -0.65 -10.80
CA GLU B 31 5.73 -0.96 -11.80
C GLU B 31 6.96 -1.51 -11.09
N GLU B 32 7.41 -0.84 -10.01
CA GLU B 32 8.63 -1.19 -9.22
C GLU B 32 8.55 -2.65 -8.76
N PHE B 33 7.36 -3.06 -8.29
CA PHE B 33 7.04 -4.39 -7.72
C PHE B 33 7.00 -5.43 -8.83
N VAL B 34 6.40 -5.07 -9.96
CA VAL B 34 6.32 -5.95 -11.17
C VAL B 34 7.75 -6.19 -11.68
N GLN B 35 8.58 -5.14 -11.76
CA GLN B 35 9.97 -5.20 -12.30
C GLN B 35 10.84 -6.07 -11.40
N SER B 36 10.52 -6.13 -10.11
CA SER B 36 11.26 -6.95 -9.11
C SER B 36 11.00 -8.45 -9.35
N SER B 37 10.22 -8.81 -10.37
CA SER B 37 9.85 -10.21 -10.71
C SER B 37 10.84 -10.83 -11.72
N GLY B 38 11.86 -10.08 -12.13
CA GLY B 38 12.92 -10.59 -13.04
C GLY B 38 12.33 -11.39 -14.19
N GLU B 39 12.80 -12.60 -14.41
CA GLU B 39 12.35 -13.49 -15.53
C GLU B 39 11.19 -14.41 -15.08
N ASN B 40 10.76 -14.37 -13.81
CA ASN B 40 9.60 -15.18 -13.32
C ASN B 40 8.30 -14.51 -13.78
N GLY B 41 8.26 -13.18 -13.78
CA GLY B 41 7.09 -12.40 -14.22
C GLY B 41 6.04 -12.34 -13.13
N ILE B 42 4.80 -11.96 -13.49
CA ILE B 42 3.72 -11.69 -12.50
C ILE B 42 2.48 -12.58 -12.76
N VAL B 43 1.75 -12.83 -11.68
CA VAL B 43 0.35 -13.32 -11.69
C VAL B 43 -0.51 -12.15 -11.21
N VAL B 44 -1.67 -11.96 -11.84
CA VAL B 44 -2.74 -11.00 -11.43
C VAL B 44 -3.95 -11.83 -11.00
N PHE B 45 -4.43 -11.58 -9.78
CA PHE B 45 -5.76 -12.01 -9.26
C PHE B 45 -6.63 -10.75 -9.15
N SER B 46 -7.57 -10.62 -10.09
CA SER B 46 -8.51 -9.48 -10.20
C SER B 46 -9.79 -9.98 -10.89
N LEU B 47 -10.93 -9.82 -10.23
CA LEU B 47 -11.16 -8.83 -9.21
C LEU B 47 -11.17 -9.42 -7.80
N GLY B 48 -11.33 -10.74 -7.65
CA GLY B 48 -11.53 -11.34 -6.32
C GLY B 48 -12.57 -10.57 -5.54
N SER B 49 -13.68 -10.23 -6.21
CA SER B 49 -14.78 -9.38 -5.69
C SER B 49 -15.63 -10.17 -4.69
N MET B 50 -15.62 -11.51 -4.78
CA MET B 50 -16.48 -12.43 -3.98
C MET B 50 -15.66 -13.21 -2.95
N ILE B 51 -14.38 -12.85 -2.75
CA ILE B 51 -13.48 -13.51 -1.75
C ILE B 51 -13.92 -13.08 -0.35
N SER B 52 -14.22 -11.81 -0.15
CA SER B 52 -14.69 -11.22 1.14
C SER B 52 -15.95 -11.96 1.61
N ASN B 53 -16.79 -12.42 0.68
CA ASN B 53 -18.03 -13.19 0.98
C ASN B 53 -17.72 -14.69 0.95
N MET B 54 -16.59 -15.08 1.55
CA MET B 54 -16.18 -16.48 1.79
C MET B 54 -15.39 -16.56 3.10
N SER B 55 -15.13 -17.79 3.58
CA SER B 55 -14.43 -18.09 4.85
C SER B 55 -12.96 -17.66 4.79
N GLU B 56 -12.40 -17.27 5.94
CA GLU B 56 -10.96 -16.89 6.10
C GLU B 56 -10.04 -18.00 5.55
N GLU B 57 -10.47 -19.27 5.59
CA GLU B 57 -9.64 -20.46 5.24
C GLU B 57 -9.56 -20.65 3.71
N SER B 58 -10.59 -20.21 2.97
CA SER B 58 -10.60 -20.15 1.49
C SER B 58 -9.50 -19.19 1.00
N ALA B 59 -9.57 -17.92 1.38
CA ALA B 59 -8.53 -16.90 1.16
C ALA B 59 -7.17 -17.49 1.55
N ASN B 60 -7.12 -18.24 2.65
CA ASN B 60 -5.87 -18.86 3.16
C ASN B 60 -5.40 -19.92 2.16
N MET B 61 -6.23 -20.92 1.89
CA MET B 61 -5.96 -22.03 0.91
C MET B 61 -5.40 -21.46 -0.41
N ILE B 62 -5.95 -20.33 -0.87
CA ILE B 62 -5.49 -19.62 -2.08
C ILE B 62 -4.11 -19.00 -1.81
N ALA B 63 -3.97 -18.15 -0.78
CA ALA B 63 -2.72 -17.43 -0.43
C ALA B 63 -1.56 -18.42 -0.26
N SER B 64 -1.86 -19.61 0.28
CA SER B 64 -0.95 -20.77 0.39
C SER B 64 -0.43 -21.16 -1.00
N ALA B 65 -1.33 -21.20 -1.97
CA ALA B 65 -1.00 -21.59 -3.36
C ALA B 65 -0.14 -20.49 -4.01
N LEU B 66 -0.61 -19.24 -3.96
CA LEU B 66 0.06 -18.07 -4.61
C LEU B 66 1.48 -17.93 -4.08
N ALA B 67 1.69 -18.22 -2.79
CA ALA B 67 2.97 -18.05 -2.05
C ALA B 67 4.06 -19.00 -2.60
N GLN B 68 3.70 -20.20 -3.04
CA GLN B 68 4.65 -21.31 -3.37
C GLN B 68 5.05 -21.25 -4.86
N ILE B 69 4.86 -20.09 -5.49
CA ILE B 69 5.12 -19.87 -6.94
C ILE B 69 6.14 -18.73 -7.09
N PRO B 70 7.19 -18.89 -7.93
CA PRO B 70 8.26 -17.88 -8.06
C PRO B 70 7.77 -16.53 -8.60
N GLN B 71 6.65 -16.54 -9.33
CA GLN B 71 5.98 -15.31 -9.83
C GLN B 71 5.71 -14.40 -8.62
N LYS B 72 5.87 -13.09 -8.81
CA LYS B 72 5.18 -12.05 -7.99
C LYS B 72 3.67 -12.14 -8.25
N VAL B 73 2.89 -11.82 -7.23
CA VAL B 73 1.40 -11.83 -7.30
C VAL B 73 0.93 -10.43 -6.89
N LEU B 74 0.01 -9.84 -7.67
CA LEU B 74 -0.79 -8.64 -7.31
C LEU B 74 -2.27 -9.01 -7.23
N TRP B 75 -2.79 -9.12 -6.00
CA TRP B 75 -4.11 -9.70 -5.68
C TRP B 75 -5.06 -8.59 -5.23
N ARG B 76 -6.09 -8.33 -6.05
CA ARG B 76 -7.13 -7.30 -5.82
C ARG B 76 -8.01 -7.81 -4.67
N PHE B 77 -7.85 -7.19 -3.49
CA PHE B 77 -8.28 -7.70 -2.17
C PHE B 77 -8.75 -6.53 -1.30
N ASP B 78 -9.78 -6.70 -0.45
CA ASP B 78 -10.23 -5.62 0.48
C ASP B 78 -10.28 -6.11 1.93
N GLY B 79 -10.69 -7.36 2.21
CA GLY B 79 -10.98 -7.87 3.56
C GLY B 79 -9.75 -8.13 4.44
N LYS B 80 -9.84 -9.11 5.35
CA LYS B 80 -8.84 -9.43 6.40
C LYS B 80 -7.61 -10.09 5.76
N LYS B 81 -6.41 -9.75 6.20
CA LYS B 81 -5.15 -10.23 5.59
C LYS B 81 -5.01 -11.73 5.83
N PRO B 82 -4.92 -12.56 4.75
CA PRO B 82 -4.68 -14.00 4.89
C PRO B 82 -3.37 -14.25 5.64
N ASN B 83 -3.35 -15.18 6.60
CA ASN B 83 -2.14 -15.46 7.41
C ASN B 83 -1.37 -16.63 6.79
N THR B 84 -1.48 -16.81 5.46
CA THR B 84 -0.63 -17.71 4.64
C THR B 84 0.01 -16.92 3.48
N LEU B 85 -0.29 -15.62 3.37
CA LEU B 85 0.23 -14.71 2.31
C LEU B 85 1.74 -14.90 2.18
N GLY B 86 2.23 -14.97 0.95
CA GLY B 86 3.67 -14.99 0.63
C GLY B 86 4.23 -13.59 0.52
N SER B 87 5.57 -13.47 0.51
CA SER B 87 6.38 -12.24 0.25
C SER B 87 6.36 -11.93 -1.25
N ASN B 88 5.98 -12.91 -2.07
CA ASN B 88 5.68 -12.75 -3.52
C ASN B 88 4.38 -11.97 -3.74
N THR B 89 3.43 -12.07 -2.82
CA THR B 89 2.03 -11.65 -3.01
C THR B 89 1.84 -10.29 -2.34
N ARG B 90 1.27 -9.33 -3.07
CA ARG B 90 0.87 -8.01 -2.53
C ARG B 90 -0.62 -7.80 -2.79
N LEU B 91 -1.36 -7.45 -1.72
CA LEU B 91 -2.83 -7.20 -1.70
C LEU B 91 -3.12 -5.72 -1.93
N TYR B 92 -3.97 -5.39 -2.89
CA TYR B 92 -4.34 -4.00 -3.27
C TYR B 92 -5.89 -3.87 -3.31
N LYS B 93 -6.44 -2.83 -2.68
CA LYS B 93 -7.89 -2.50 -2.67
C LYS B 93 -8.38 -2.16 -4.09
N TRP B 94 -7.48 -1.61 -4.92
CA TRP B 94 -7.72 -1.32 -6.36
C TRP B 94 -6.49 -1.72 -7.20
N LEU B 95 -6.72 -2.30 -8.38
CA LEU B 95 -5.67 -2.61 -9.38
C LEU B 95 -6.07 -2.09 -10.75
N PRO B 96 -5.10 -1.68 -11.58
CA PRO B 96 -5.37 -1.42 -13.00
C PRO B 96 -5.37 -2.76 -13.76
N GLN B 97 -6.39 -3.59 -13.53
CA GLN B 97 -6.45 -4.97 -14.04
C GLN B 97 -5.92 -4.99 -15.48
N ASN B 98 -6.54 -4.20 -16.35
CA ASN B 98 -6.23 -4.13 -17.79
C ASN B 98 -4.78 -3.70 -18.03
N ASP B 99 -4.32 -2.67 -17.33
CA ASP B 99 -2.92 -2.21 -17.49
C ASP B 99 -1.98 -3.38 -17.15
N LEU B 100 -2.28 -4.13 -16.08
CA LEU B 100 -1.48 -5.30 -15.64
C LEU B 100 -1.51 -6.40 -16.70
N LEU B 101 -2.71 -6.77 -17.17
CA LEU B 101 -2.87 -7.83 -18.21
C LEU B 101 -2.05 -7.48 -19.47
N GLY B 102 -1.83 -6.20 -19.77
CA GLY B 102 -1.01 -5.75 -20.91
C GLY B 102 0.49 -5.68 -20.59
N HIS B 103 0.89 -5.99 -19.36
CA HIS B 103 2.31 -5.93 -18.96
C HIS B 103 3.08 -7.12 -19.54
N PRO B 104 4.26 -6.90 -20.14
CA PRO B 104 5.06 -7.99 -20.72
C PRO B 104 5.64 -9.05 -19.76
N LYS B 105 5.31 -8.98 -18.48
CA LYS B 105 5.78 -9.89 -17.41
C LYS B 105 4.61 -10.72 -16.90
N THR B 106 3.38 -10.33 -17.25
CA THR B 106 2.16 -11.06 -16.84
C THR B 106 2.20 -12.44 -17.50
N LYS B 107 2.03 -13.48 -16.68
CA LYS B 107 2.11 -14.90 -17.09
C LYS B 107 0.73 -15.53 -17.03
N ALA B 108 -0.07 -15.19 -16.02
CA ALA B 108 -1.41 -15.80 -15.81
C ALA B 108 -2.36 -14.78 -15.18
N PHE B 109 -3.66 -15.09 -15.28
CA PHE B 109 -4.77 -14.29 -14.74
C PHE B 109 -5.64 -15.20 -13.88
N ILE B 110 -5.89 -14.79 -12.65
CA ILE B 110 -6.83 -15.46 -11.71
C ILE B 110 -8.07 -14.58 -11.64
N THR B 111 -9.26 -15.14 -11.85
CA THR B 111 -10.53 -14.38 -11.84
C THR B 111 -11.67 -15.31 -11.45
N HIS B 112 -12.75 -14.74 -10.89
CA HIS B 112 -14.01 -15.47 -10.61
C HIS B 112 -14.58 -15.99 -11.93
N GLY B 113 -14.41 -15.22 -13.01
CA GLY B 113 -14.83 -15.58 -14.37
C GLY B 113 -16.01 -14.76 -14.84
N GLY B 114 -16.11 -13.51 -14.37
CA GLY B 114 -17.03 -12.52 -14.96
C GLY B 114 -16.61 -12.24 -16.38
N THR B 115 -17.57 -12.08 -17.27
CA THR B 115 -17.33 -11.84 -18.72
C THR B 115 -16.32 -10.70 -18.90
N ASN B 116 -16.34 -9.64 -18.08
CA ASN B 116 -15.54 -8.41 -18.34
C ASN B 116 -14.05 -8.77 -18.40
N GLY B 117 -13.54 -9.48 -17.39
CA GLY B 117 -12.10 -9.76 -17.23
C GLY B 117 -11.62 -10.78 -18.27
N ILE B 118 -12.48 -11.73 -18.62
CA ILE B 118 -12.21 -12.78 -19.63
C ILE B 118 -12.01 -12.12 -21.01
N TYR B 119 -12.70 -11.01 -21.30
CA TYR B 119 -12.51 -10.19 -22.53
C TYR B 119 -11.11 -9.57 -22.54
N GLU B 120 -10.66 -9.05 -21.39
CA GLU B 120 -9.33 -8.41 -21.24
C GLU B 120 -8.25 -9.49 -21.26
N ALA B 121 -8.52 -10.62 -20.60
CA ALA B 121 -7.62 -11.81 -20.56
C ALA B 121 -7.40 -12.29 -21.98
N ILE B 122 -8.48 -12.44 -22.76
CA ILE B 122 -8.42 -12.81 -24.20
C ILE B 122 -7.64 -11.72 -24.95
N TYR B 123 -8.00 -10.45 -24.77
CA TYR B 123 -7.42 -9.36 -25.61
C TYR B 123 -5.90 -9.46 -25.59
N HIS B 124 -5.31 -9.44 -24.37
CA HIS B 124 -3.85 -9.40 -24.10
C HIS B 124 -3.24 -10.82 -24.11
N GLY B 125 -4.08 -11.85 -24.29
CA GLY B 125 -3.64 -13.24 -24.46
C GLY B 125 -2.94 -13.75 -23.22
N ILE B 126 -3.61 -13.64 -22.07
CA ILE B 126 -3.10 -14.07 -20.74
C ILE B 126 -3.97 -15.24 -20.26
N PRO B 127 -3.43 -16.49 -20.22
CA PRO B 127 -4.22 -17.68 -19.91
C PRO B 127 -4.56 -17.70 -18.41
N MET B 128 -5.64 -18.40 -18.04
CA MET B 128 -6.40 -18.10 -16.80
C MET B 128 -6.56 -19.31 -15.88
N VAL B 129 -6.52 -19.07 -14.57
CA VAL B 129 -7.10 -19.98 -13.55
C VAL B 129 -8.38 -19.35 -13.00
N GLY B 130 -9.51 -19.99 -13.32
CA GLY B 130 -10.87 -19.64 -12.85
C GLY B 130 -11.15 -20.19 -11.47
N ILE B 131 -11.94 -19.45 -10.69
CA ILE B 131 -12.40 -19.82 -9.33
C ILE B 131 -13.85 -19.36 -9.20
N PRO B 132 -14.79 -19.96 -9.95
CA PRO B 132 -16.17 -19.46 -10.02
C PRO B 132 -16.99 -19.77 -8.75
N LEU B 133 -18.16 -19.12 -8.60
CA LEU B 133 -19.15 -19.31 -7.49
C LEU B 133 -20.57 -19.47 -8.05
N PHE B 134 -21.00 -18.59 -8.95
CA PHE B 134 -22.34 -18.58 -9.58
C PHE B 134 -22.24 -19.08 -11.03
N ALA B 135 -23.30 -19.77 -11.50
CA ALA B 135 -23.38 -20.45 -12.81
C ALA B 135 -22.74 -19.59 -13.91
N ASP B 136 -23.15 -18.31 -14.03
CA ASP B 136 -22.51 -17.30 -14.93
C ASP B 136 -21.00 -17.57 -14.96
N GLN B 137 -20.35 -17.47 -13.79
CA GLN B 137 -18.87 -17.64 -13.58
C GLN B 137 -18.43 -19.07 -14.00
N HIS B 138 -19.16 -20.12 -13.62
CA HIS B 138 -18.85 -21.54 -13.98
C HIS B 138 -18.85 -21.74 -15.50
N ASP B 139 -19.88 -21.28 -16.20
CA ASP B 139 -20.06 -21.60 -17.65
C ASP B 139 -19.02 -20.81 -18.46
N ASN B 140 -18.58 -19.64 -17.99
CA ASN B 140 -17.62 -18.76 -18.72
C ASN B 140 -16.26 -19.43 -18.70
N ILE B 141 -15.91 -20.04 -17.56
CA ILE B 141 -14.61 -20.73 -17.29
C ILE B 141 -14.61 -22.11 -17.96
N ALA B 142 -15.72 -22.85 -17.90
CA ALA B 142 -15.94 -24.13 -18.61
C ALA B 142 -15.61 -23.94 -20.10
N HIS B 143 -16.05 -22.82 -20.66
CA HIS B 143 -15.91 -22.45 -22.10
C HIS B 143 -14.42 -22.28 -22.42
N MET B 144 -13.74 -21.37 -21.70
CA MET B 144 -12.29 -21.07 -21.89
C MET B 144 -11.46 -22.35 -21.70
N LYS B 145 -11.86 -23.24 -20.78
CA LYS B 145 -11.14 -24.52 -20.50
C LYS B 145 -11.29 -25.45 -21.70
N ALA B 146 -12.50 -25.51 -22.28
CA ALA B 146 -12.81 -26.33 -23.47
C ALA B 146 -11.95 -25.86 -24.64
N LYS B 147 -11.61 -24.58 -24.67
CA LYS B 147 -10.70 -23.92 -25.65
C LYS B 147 -9.25 -24.02 -25.17
N GLY B 148 -8.99 -24.77 -24.09
CA GLY B 148 -7.64 -24.93 -23.47
C GLY B 148 -6.96 -23.60 -23.18
N ALA B 149 -7.73 -22.56 -22.86
CA ALA B 149 -7.25 -21.18 -22.61
C ALA B 149 -7.26 -20.89 -21.11
N ALA B 150 -7.66 -21.87 -20.29
CA ALA B 150 -7.76 -21.76 -18.81
C ALA B 150 -7.84 -23.15 -18.17
N LEU B 151 -7.55 -23.19 -16.87
CA LEU B 151 -7.96 -24.24 -15.92
C LEU B 151 -8.88 -23.62 -14.87
N SER B 152 -9.65 -24.43 -14.15
CA SER B 152 -10.65 -24.04 -13.12
C SER B 152 -10.37 -24.80 -11.81
N VAL B 153 -10.98 -24.34 -10.71
CA VAL B 153 -10.76 -24.87 -9.33
C VAL B 153 -12.03 -24.65 -8.49
N ASP B 154 -12.09 -25.31 -7.32
CA ASP B 154 -13.14 -25.18 -6.27
C ASP B 154 -14.46 -25.64 -6.89
N ILE B 155 -15.59 -25.07 -6.47
CA ILE B 155 -16.92 -25.68 -6.72
C ILE B 155 -16.91 -27.03 -6.00
N ARG B 156 -16.20 -28.01 -6.58
CA ARG B 156 -15.96 -29.36 -6.01
C ARG B 156 -14.69 -29.33 -5.15
N THR B 157 -14.87 -29.37 -3.82
CA THR B 157 -13.78 -29.32 -2.80
C THR B 157 -12.87 -28.14 -3.10
N MET B 158 -11.64 -28.47 -3.54
CA MET B 158 -10.44 -27.62 -3.75
C MET B 158 -9.44 -27.87 -2.62
N SER B 159 -8.18 -28.10 -2.95
CA SER B 159 -7.00 -27.98 -2.06
C SER B 159 -6.09 -26.88 -2.60
N SER B 160 -5.27 -26.23 -1.77
CA SER B 160 -4.20 -25.29 -2.21
C SER B 160 -3.46 -25.92 -3.40
N ARG B 161 -3.08 -27.20 -3.27
CA ARG B 161 -2.27 -27.96 -4.25
C ARG B 161 -3.01 -28.00 -5.59
N ASP B 162 -4.33 -28.24 -5.57
CA ASP B 162 -5.21 -28.19 -6.77
C ASP B 162 -5.03 -26.84 -7.50
N LEU B 163 -5.00 -25.72 -6.77
CA LEU B 163 -4.83 -24.36 -7.35
C LEU B 163 -3.36 -24.20 -7.79
N LEU B 164 -2.43 -24.47 -6.87
CA LEU B 164 -0.98 -24.44 -7.12
C LEU B 164 -0.65 -25.13 -8.45
N ASN B 165 -1.15 -26.36 -8.64
CA ASN B 165 -0.95 -27.21 -9.85
C ASN B 165 -1.55 -26.53 -11.06
N ALA B 166 -2.78 -26.03 -10.92
CA ALA B 166 -3.50 -25.29 -11.97
C ALA B 166 -2.62 -24.11 -12.43
N LEU B 167 -2.00 -23.45 -11.45
CA LEU B 167 -1.23 -22.18 -11.62
C LEU B 167 0.10 -22.48 -12.33
N LYS B 168 0.78 -23.58 -12.01
CA LYS B 168 2.07 -23.97 -12.61
C LYS B 168 1.86 -24.50 -14.04
N SER B 169 0.73 -25.17 -14.31
CA SER B 169 0.36 -25.58 -15.69
C SER B 169 0.30 -24.34 -16.59
N VAL B 170 -0.68 -23.46 -16.33
CA VAL B 170 -1.01 -22.27 -17.17
C VAL B 170 0.21 -21.35 -17.29
N ILE B 171 0.94 -21.11 -16.19
CA ILE B 171 2.13 -20.19 -16.18
C ILE B 171 3.19 -20.77 -17.13
N ASN B 172 3.53 -22.05 -16.98
CA ASN B 172 4.81 -22.63 -17.46
C ASN B 172 4.64 -23.44 -18.74
N ASP B 173 3.46 -24.00 -19.01
CA ASP B 173 3.20 -24.92 -20.17
C ASP B 173 2.62 -24.06 -21.29
N PRO B 174 3.42 -23.71 -22.33
CA PRO B 174 3.06 -22.62 -23.24
C PRO B 174 1.78 -22.83 -24.07
N ILE B 175 1.20 -24.03 -24.02
CA ILE B 175 0.03 -24.44 -24.85
C ILE B 175 -1.16 -23.56 -24.46
N TYR B 176 -1.35 -23.26 -23.17
CA TYR B 176 -2.49 -22.44 -22.65
C TYR B 176 -2.38 -21.03 -23.23
N LYS B 177 -1.17 -20.53 -23.46
CA LYS B 177 -0.97 -19.15 -24.01
C LYS B 177 -1.21 -19.15 -25.52
N GLU B 178 -0.77 -20.18 -26.24
CA GLU B 178 -1.13 -20.39 -27.68
C GLU B 178 -2.64 -20.35 -27.83
N ASN B 179 -3.33 -21.14 -27.00
CA ASN B 179 -4.80 -21.37 -27.07
C ASN B 179 -5.58 -20.09 -26.79
N ILE B 180 -5.24 -19.32 -25.75
CA ILE B 180 -5.92 -18.02 -25.44
C ILE B 180 -5.71 -17.07 -26.62
N MET B 181 -4.53 -17.12 -27.23
CA MET B 181 -4.07 -16.16 -28.26
C MET B 181 -4.62 -16.54 -29.64
N LYS B 182 -5.14 -17.76 -29.81
CA LYS B 182 -5.89 -18.14 -31.03
C LYS B 182 -7.33 -17.61 -30.93
N LEU B 183 -7.73 -17.15 -29.74
CA LEU B 183 -9.07 -16.52 -29.53
C LEU B 183 -9.02 -15.00 -29.79
N SER B 184 -7.83 -14.39 -29.88
CA SER B 184 -7.65 -12.93 -30.11
C SER B 184 -6.90 -12.65 -31.41
CA LYS C 21 4.86 31.98 5.34
C LYS C 21 6.34 32.04 5.70
N PRO C 22 7.05 33.14 5.36
CA PRO C 22 8.38 33.43 5.90
C PRO C 22 8.41 33.35 7.44
N ALA C 23 9.61 33.23 8.05
CA ALA C 23 9.83 32.86 9.47
C ALA C 23 10.87 33.78 10.12
N LYS C 24 10.62 34.22 11.36
CA LYS C 24 11.39 35.30 12.03
C LYS C 24 12.19 34.75 13.20
N PRO C 25 13.06 35.57 13.83
CA PRO C 25 13.90 35.08 14.90
C PRO C 25 12.98 34.77 16.09
N LEU C 26 13.38 33.78 16.89
CA LEU C 26 12.66 33.39 18.13
C LEU C 26 12.96 34.44 19.21
N PRO C 27 12.08 34.55 20.24
CA PRO C 27 12.45 35.15 21.51
C PRO C 27 13.77 34.58 22.06
N LYS C 28 14.67 35.45 22.55
CA LYS C 28 16.06 35.13 23.00
C LYS C 28 16.06 33.86 23.86
N GLU C 29 15.22 33.81 24.89
CA GLU C 29 15.15 32.67 25.84
C GLU C 29 14.72 31.40 25.10
N MET C 30 13.78 31.52 24.15
CA MET C 30 13.29 30.40 23.32
C MET C 30 14.39 29.94 22.35
N GLU C 31 15.14 30.90 21.76
CA GLU C 31 16.26 30.61 20.82
C GLU C 31 17.36 29.87 21.60
N GLU C 32 17.71 30.36 22.80
CA GLU C 32 18.79 29.76 23.63
C GLU C 32 18.53 28.27 23.73
N PHE C 33 17.34 27.90 24.22
CA PHE C 33 16.84 26.49 24.30
C PHE C 33 17.17 25.80 22.98
N VAL C 34 16.54 26.26 21.88
CA VAL C 34 16.62 25.61 20.53
C VAL C 34 18.08 25.31 20.18
N GLN C 35 18.99 26.27 20.37
CA GLN C 35 20.45 26.13 20.04
C GLN C 35 21.09 25.00 20.87
N SER C 36 20.56 24.75 22.07
CA SER C 36 21.14 23.79 23.03
C SER C 36 20.87 22.34 22.58
N SER C 37 20.10 22.16 21.49
CA SER C 37 19.84 20.85 20.84
C SER C 37 21.05 20.41 20.00
N GLY C 38 22.00 21.33 19.78
CA GLY C 38 23.27 21.04 19.08
C GLY C 38 23.00 20.41 17.73
N GLU C 39 23.54 19.21 17.49
CA GLU C 39 23.34 18.47 16.22
C GLU C 39 22.14 17.51 16.35
N ASN C 40 21.42 17.51 17.49
CA ASN C 40 20.17 16.73 17.66
C ASN C 40 19.00 17.46 16.99
N GLY C 41 18.87 18.77 17.23
CA GLY C 41 17.74 19.57 16.71
C GLY C 41 16.56 19.52 17.64
N ILE C 42 15.38 19.94 17.17
CA ILE C 42 14.17 20.16 18.01
C ILE C 42 12.93 19.53 17.38
N VAL C 43 12.01 19.08 18.23
CA VAL C 43 10.62 18.68 17.86
C VAL C 43 9.68 19.75 18.42
N VAL C 44 8.71 20.16 17.62
CA VAL C 44 7.66 21.16 17.97
C VAL C 44 6.37 20.38 18.09
N PHE C 45 5.73 20.41 19.26
CA PHE C 45 4.33 19.97 19.44
C PHE C 45 3.47 21.23 19.62
N SER C 46 2.73 21.59 18.57
CA SER C 46 1.85 22.78 18.45
C SER C 46 0.74 22.48 17.44
N LEU C 47 -0.52 22.78 17.77
CA LEU C 47 -0.93 23.45 18.99
C LEU C 47 -1.12 22.45 20.12
N GLY C 48 -1.51 21.21 19.78
CA GLY C 48 -2.05 20.21 20.72
C GLY C 48 -3.12 20.85 21.60
N SER C 49 -4.12 21.45 20.96
CA SER C 49 -5.14 22.32 21.60
C SER C 49 -6.22 21.47 22.29
N MET C 50 -6.25 20.17 22.01
CA MET C 50 -7.26 19.22 22.54
C MET C 50 -6.62 18.36 23.63
N ILE C 51 -5.33 18.53 23.87
CA ILE C 51 -4.58 17.81 24.94
C ILE C 51 -5.17 18.14 26.32
N SER C 52 -5.56 19.40 26.52
CA SER C 52 -6.35 19.89 27.67
C SER C 52 -7.60 19.02 27.88
N ASN C 53 -8.31 18.68 26.80
CA ASN C 53 -9.61 17.95 26.85
C ASN C 53 -9.40 16.44 26.92
N MET C 54 -8.21 15.97 27.32
CA MET C 54 -7.90 14.52 27.43
C MET C 54 -7.30 14.26 28.81
N SER C 55 -7.19 12.99 29.22
CA SER C 55 -6.84 12.58 30.59
C SER C 55 -5.40 13.01 30.90
N GLU C 56 -5.04 13.08 32.19
CA GLU C 56 -3.65 13.30 32.69
C GLU C 56 -2.74 12.19 32.18
N GLU C 57 -3.25 10.96 32.05
CA GLU C 57 -2.45 9.79 31.60
C GLU C 57 -1.99 9.97 30.15
N SER C 58 -2.85 10.54 29.30
CA SER C 58 -2.59 10.79 27.87
C SER C 58 -1.33 11.66 27.74
N ALA C 59 -1.34 12.82 28.42
CA ALA C 59 -0.19 13.74 28.54
C ALA C 59 1.04 13.00 29.12
N ASN C 60 0.86 12.23 30.22
CA ASN C 60 1.95 11.45 30.88
C ASN C 60 2.53 10.42 29.90
N MET C 61 1.70 9.88 28.99
CA MET C 61 2.11 8.91 27.95
C MET C 61 2.94 9.63 26.87
N ILE C 62 2.45 10.79 26.43
CA ILE C 62 3.07 11.63 25.37
C ILE C 62 4.40 12.21 25.90
N ALA C 63 4.47 12.55 27.19
CA ALA C 63 5.68 13.15 27.80
C ALA C 63 6.75 12.07 27.89
N SER C 64 6.33 10.83 28.17
CA SER C 64 7.23 9.66 28.29
C SER C 64 7.92 9.40 26.95
N ALA C 65 7.18 9.44 25.83
CA ALA C 65 7.75 9.29 24.47
C ALA C 65 8.68 10.47 24.12
N LEU C 66 8.28 11.71 24.48
CA LEU C 66 9.08 12.94 24.19
C LEU C 66 10.36 12.93 25.02
N ALA C 67 10.34 12.31 26.19
CA ALA C 67 11.47 12.26 27.15
C ALA C 67 12.59 11.35 26.64
N GLN C 68 12.28 10.40 25.75
CA GLN C 68 13.17 9.26 25.40
C GLN C 68 13.86 9.52 24.05
N ILE C 69 14.14 10.79 23.73
CA ILE C 69 14.69 11.22 22.41
C ILE C 69 15.72 12.32 22.64
N PRO C 70 16.83 12.33 21.85
CA PRO C 70 17.92 13.30 22.02
C PRO C 70 17.60 14.74 21.58
N GLN C 71 16.54 14.92 20.80
CA GLN C 71 16.04 16.26 20.41
C GLN C 71 15.48 16.98 21.64
N LYS C 72 15.78 18.27 21.75
CA LYS C 72 15.03 19.25 22.58
C LYS C 72 13.63 19.39 22.01
N VAL C 73 12.64 19.53 22.89
CA VAL C 73 11.20 19.46 22.49
C VAL C 73 10.51 20.69 23.05
N LEU C 74 9.85 21.45 22.20
CA LEU C 74 8.98 22.57 22.59
C LEU C 74 7.53 22.10 22.40
N TRP C 75 6.75 22.11 23.48
CA TRP C 75 5.37 21.58 23.51
C TRP C 75 4.42 22.74 23.87
N ARG C 76 3.55 23.11 22.94
CA ARG C 76 2.49 24.14 23.16
C ARG C 76 1.42 23.47 24.02
N PHE C 77 1.35 23.90 25.29
CA PHE C 77 0.68 23.22 26.42
C PHE C 77 0.21 24.25 27.45
N ASP C 78 -0.87 23.98 28.19
CA ASP C 78 -1.53 25.05 29.00
C ASP C 78 -2.17 24.54 30.32
N GLY C 79 -2.00 23.29 30.74
CA GLY C 79 -2.59 22.80 32.01
C GLY C 79 -1.59 22.17 32.98
N LYS C 80 -2.01 21.09 33.66
CA LYS C 80 -1.25 20.44 34.76
C LYS C 80 0.02 19.81 34.18
N LYS C 81 1.20 20.25 34.65
CA LYS C 81 2.50 19.74 34.15
C LYS C 81 2.45 18.21 34.18
N PRO C 82 2.80 17.52 33.07
CA PRO C 82 2.88 16.07 33.06
C PRO C 82 4.01 15.59 33.98
N ASN C 83 3.75 14.65 34.89
CA ASN C 83 4.70 14.33 35.99
C ASN C 83 5.88 13.48 35.45
N THR C 84 5.79 12.99 34.20
CA THR C 84 6.86 12.22 33.49
C THR C 84 7.52 13.10 32.41
N LEU C 85 7.30 14.43 32.45
CA LEU C 85 8.00 15.39 31.55
C LEU C 85 9.50 15.09 31.60
N GLY C 86 10.19 15.22 30.45
CA GLY C 86 11.66 15.11 30.34
C GLY C 86 12.34 16.47 30.43
N SER C 87 13.67 16.47 30.51
CA SER C 87 14.55 17.67 30.49
C SER C 87 14.71 18.19 29.06
N ASN C 88 14.58 17.31 28.06
CA ASN C 88 14.48 17.69 26.63
C ASN C 88 13.23 18.54 26.37
N THR C 89 12.22 18.49 27.26
CA THR C 89 10.83 18.95 26.99
C THR C 89 10.43 20.12 27.88
N ARG C 90 10.12 21.28 27.28
CA ARG C 90 9.65 22.53 27.95
C ARG C 90 8.22 22.87 27.48
N LEU C 91 7.37 23.33 28.42
CA LEU C 91 5.94 23.63 28.19
C LEU C 91 5.76 25.13 27.98
N TYR C 92 4.94 25.49 27.00
CA TYR C 92 4.71 26.87 26.51
C TYR C 92 3.22 27.05 26.22
N LYS C 93 2.51 27.91 26.96
CA LYS C 93 1.07 28.24 26.74
C LYS C 93 0.89 28.89 25.36
N TRP C 94 1.92 29.58 24.85
CA TRP C 94 2.00 30.10 23.47
C TRP C 94 3.33 29.69 22.84
N LEU C 95 3.33 29.37 21.54
CA LEU C 95 4.54 29.18 20.69
C LEU C 95 4.38 29.95 19.40
N PRO C 96 5.47 30.58 18.87
CA PRO C 96 5.52 31.00 17.47
C PRO C 96 5.70 29.80 16.54
N GLN C 97 4.65 29.00 16.34
CA GLN C 97 4.70 27.72 15.60
C GLN C 97 5.47 27.98 14.30
N ASN C 98 5.01 28.92 13.47
CA ASN C 98 5.59 29.18 12.14
C ASN C 98 7.12 29.39 12.24
N ASP C 99 7.59 30.31 13.09
CA ASP C 99 9.04 30.65 13.20
C ASP C 99 9.89 29.42 13.56
N LEU C 100 9.34 28.49 14.38
CA LEU C 100 10.06 27.29 14.88
C LEU C 100 10.21 26.29 13.73
N LEU C 101 9.12 26.05 13.00
CA LEU C 101 9.13 25.19 11.77
C LEU C 101 10.12 25.79 10.77
N GLY C 102 10.26 27.11 10.77
CA GLY C 102 11.18 27.87 9.90
C GLY C 102 12.63 27.70 10.30
N HIS C 103 12.90 27.43 11.58
CA HIS C 103 14.28 27.34 12.14
C HIS C 103 15.00 26.19 11.48
N PRO C 104 16.31 26.31 11.16
CA PRO C 104 17.06 25.22 10.53
C PRO C 104 17.14 23.96 11.41
N LYS C 105 17.12 24.13 12.74
CA LYS C 105 17.33 23.05 13.74
C LYS C 105 16.10 22.16 13.92
N THR C 106 14.97 22.46 13.26
CA THR C 106 13.71 21.67 13.37
C THR C 106 13.81 20.41 12.50
N LYS C 107 13.48 19.26 13.08
CA LYS C 107 13.53 17.91 12.46
C LYS C 107 12.11 17.38 12.24
N ALA C 108 11.19 17.65 13.16
CA ALA C 108 9.84 17.05 13.24
C ALA C 108 8.83 18.01 13.86
N PHE C 109 7.61 17.93 13.36
CA PHE C 109 6.42 18.68 13.84
C PHE C 109 5.42 17.63 14.34
N ILE C 110 4.91 17.79 15.56
CA ILE C 110 3.81 16.96 16.14
C ILE C 110 2.55 17.83 16.13
N THR C 111 1.42 17.32 15.62
CA THR C 111 0.13 18.08 15.56
C THR C 111 -1.08 17.15 15.60
N HIS C 112 -2.26 17.69 15.95
CA HIS C 112 -3.57 17.00 15.83
C HIS C 112 -3.99 16.89 14.35
N GLY C 113 -3.31 17.60 13.45
CA GLY C 113 -3.52 17.47 12.00
C GLY C 113 -4.55 18.45 11.47
N GLY C 114 -4.70 19.61 12.11
CA GLY C 114 -5.46 20.74 11.57
C GLY C 114 -4.82 21.29 10.31
N THR C 115 -5.62 21.82 9.37
CA THR C 115 -5.15 22.16 8.00
C THR C 115 -4.03 23.21 8.11
N ASN C 116 -4.27 24.27 8.89
CA ASN C 116 -3.37 25.44 9.04
C ASN C 116 -1.93 24.97 9.31
N GLY C 117 -1.74 24.18 10.37
CA GLY C 117 -0.42 23.75 10.83
C GLY C 117 0.25 22.79 9.88
N ILE C 118 -0.51 22.10 9.01
CA ILE C 118 0.04 21.19 7.96
C ILE C 118 0.60 22.04 6.81
N TYR C 119 0.11 23.28 6.65
CA TYR C 119 0.57 24.19 5.56
C TYR C 119 1.94 24.79 5.92
N GLU C 120 2.18 25.05 7.20
CA GLU C 120 3.48 25.61 7.66
C GLU C 120 4.52 24.51 7.54
N ALA C 121 4.19 23.30 8.02
CA ALA C 121 5.02 22.07 7.90
C ALA C 121 5.42 21.86 6.44
N ILE C 122 4.42 21.72 5.56
CA ILE C 122 4.61 21.63 4.08
C ILE C 122 5.56 22.78 3.67
N TYR C 123 5.21 24.03 3.93
CA TYR C 123 6.03 25.18 3.49
C TYR C 123 7.50 24.97 3.86
N HIS C 124 7.80 24.59 5.10
CA HIS C 124 9.16 24.67 5.69
C HIS C 124 9.88 23.33 5.59
N GLY C 125 9.22 22.30 5.05
CA GLY C 125 9.80 20.97 4.79
C GLY C 125 10.03 20.19 6.07
N ILE C 126 9.05 20.17 6.97
CA ILE C 126 9.13 19.55 8.32
C ILE C 126 8.17 18.38 8.42
N PRO C 127 8.68 17.12 8.37
CA PRO C 127 7.83 15.93 8.50
C PRO C 127 7.14 15.81 9.87
N MET C 128 6.00 15.10 9.96
CA MET C 128 5.08 15.17 11.14
C MET C 128 4.59 13.80 11.63
N VAL C 129 4.37 13.69 12.94
CA VAL C 129 3.53 12.63 13.55
C VAL C 129 2.15 13.22 13.89
N GLY C 130 1.14 12.79 13.14
CA GLY C 130 -0.27 13.11 13.43
C GLY C 130 -0.77 12.38 14.66
N ILE C 131 -1.47 13.09 15.55
CA ILE C 131 -2.27 12.50 16.66
C ILE C 131 -3.69 13.05 16.53
N PRO C 132 -4.38 12.76 15.41
CA PRO C 132 -5.69 13.32 15.12
C PRO C 132 -6.83 12.87 16.05
N LEU C 133 -7.85 13.73 16.24
CA LEU C 133 -9.06 13.43 17.05
C LEU C 133 -10.34 13.60 16.20
N PHE C 134 -10.35 14.48 15.20
CA PHE C 134 -11.56 14.78 14.39
C PHE C 134 -11.40 14.22 12.98
N ALA C 135 -12.52 14.12 12.26
CA ALA C 135 -12.62 13.58 10.88
C ALA C 135 -11.71 14.37 9.95
N ASP C 136 -11.78 15.71 10.02
CA ASP C 136 -10.94 16.60 9.17
C ASP C 136 -9.47 16.27 9.43
N GLN C 137 -9.10 16.05 10.70
CA GLN C 137 -7.72 15.77 11.18
C GLN C 137 -7.29 14.36 10.77
N HIS C 138 -8.14 13.35 11.00
CA HIS C 138 -7.93 11.93 10.59
C HIS C 138 -7.59 11.88 9.09
N ASP C 139 -8.35 12.61 8.26
CA ASP C 139 -8.22 12.67 6.78
C ASP C 139 -6.93 13.41 6.41
N ASN C 140 -6.69 14.57 7.03
CA ASN C 140 -5.53 15.46 6.76
C ASN C 140 -4.22 14.70 7.02
N ILE C 141 -4.16 13.89 8.08
CA ILE C 141 -2.96 13.09 8.47
C ILE C 141 -2.83 11.87 7.53
N ALA C 142 -3.93 11.25 7.13
CA ALA C 142 -3.94 10.04 6.27
C ALA C 142 -3.45 10.41 4.87
N HIS C 143 -3.69 11.65 4.44
CA HIS C 143 -3.19 12.20 3.16
C HIS C 143 -1.67 12.43 3.25
N MET C 144 -1.20 12.99 4.35
CA MET C 144 0.24 13.28 4.59
C MET C 144 1.02 11.97 4.80
N LYS C 145 0.38 10.95 5.37
CA LYS C 145 0.98 9.61 5.61
C LYS C 145 1.20 8.91 4.25
N ALA C 146 0.16 8.87 3.42
CA ALA C 146 0.14 8.28 2.06
C ALA C 146 1.18 8.95 1.14
N LYS C 147 1.39 10.26 1.26
CA LYS C 147 2.46 11.00 0.52
C LYS C 147 3.83 10.72 1.15
N GLY C 148 3.88 9.86 2.17
CA GLY C 148 5.11 9.53 2.93
C GLY C 148 5.70 10.74 3.61
N ALA C 149 4.85 11.67 4.09
CA ALA C 149 5.23 12.98 4.67
C ALA C 149 5.02 12.98 6.19
N ALA C 150 4.44 11.89 6.72
CA ALA C 150 3.96 11.82 8.10
C ALA C 150 3.75 10.37 8.52
N LEU C 151 3.72 10.16 9.84
CA LEU C 151 3.08 9.00 10.50
C LEU C 151 2.03 9.53 11.48
N SER C 152 1.13 8.63 11.92
CA SER C 152 -0.04 8.92 12.79
C SER C 152 0.02 8.05 14.04
N VAL C 153 -0.79 8.37 15.06
CA VAL C 153 -0.77 7.76 16.42
C VAL C 153 -2.16 7.89 17.02
N ASP C 154 -2.40 7.19 18.15
CA ASP C 154 -3.58 7.26 19.07
C ASP C 154 -4.79 6.65 18.36
N ILE C 155 -5.93 7.34 18.29
CA ILE C 155 -7.20 6.75 17.80
C ILE C 155 -7.27 5.35 18.42
N ARG C 156 -6.58 4.39 17.79
CA ARG C 156 -6.54 2.95 18.18
C ARG C 156 -5.53 2.76 19.31
N THR C 157 -6.01 2.39 20.50
CA THR C 157 -5.21 2.00 21.70
C THR C 157 -4.22 3.12 22.04
N MET C 158 -2.94 2.94 21.68
CA MET C 158 -1.80 3.88 21.80
C MET C 158 -1.01 3.59 23.07
N SER C 159 0.31 3.48 22.94
CA SER C 159 1.29 3.49 24.06
C SER C 159 2.34 4.59 23.79
N SER C 160 3.13 4.94 24.80
CA SER C 160 4.35 5.78 24.65
C SER C 160 5.16 5.29 23.45
N ARG C 161 5.54 4.00 23.46
CA ARG C 161 6.40 3.35 22.44
C ARG C 161 5.89 3.70 21.04
N ASP C 162 4.59 3.60 20.80
CA ASP C 162 4.00 3.88 19.47
C ASP C 162 4.44 5.28 19.03
N LEU C 163 4.20 6.28 19.86
CA LEU C 163 4.55 7.70 19.53
C LEU C 163 6.08 7.83 19.38
N LEU C 164 6.83 7.08 20.16
CA LEU C 164 8.31 7.10 20.10
C LEU C 164 8.77 6.52 18.76
N ASN C 165 8.31 5.32 18.42
CA ASN C 165 8.73 4.63 17.18
C ASN C 165 8.36 5.55 16.02
N ALA C 166 7.14 6.07 16.02
CA ALA C 166 6.68 7.06 15.02
C ALA C 166 7.69 8.20 14.97
N LEU C 167 8.12 8.69 16.13
CA LEU C 167 8.91 9.94 16.23
C LEU C 167 10.32 9.66 15.71
N LYS C 168 10.96 8.59 16.19
CA LYS C 168 12.34 8.20 15.77
C LYS C 168 12.36 8.04 14.25
N SER C 169 11.39 7.29 13.69
CA SER C 169 11.23 7.05 12.22
C SER C 169 11.25 8.37 11.45
N VAL C 170 10.56 9.41 11.95
CA VAL C 170 10.30 10.67 11.19
C VAL C 170 11.48 11.64 11.35
N ILE C 171 12.12 11.68 12.52
CA ILE C 171 13.24 12.61 12.83
C ILE C 171 14.48 12.14 12.06
N ASN C 172 14.64 10.82 11.89
CA ASN C 172 15.95 10.16 11.65
C ASN C 172 16.06 9.56 10.25
N ASP C 173 14.98 8.96 9.72
CA ASP C 173 14.93 8.33 8.37
C ASP C 173 14.65 9.44 7.36
N PRO C 174 15.66 9.92 6.60
CA PRO C 174 15.54 11.17 5.87
C PRO C 174 14.48 11.13 4.76
N ILE C 175 13.86 9.96 4.53
CA ILE C 175 12.82 9.73 3.49
C ILE C 175 11.61 10.64 3.74
N TYR C 176 11.16 10.77 5.00
CA TYR C 176 9.94 11.53 5.38
C TYR C 176 10.15 13.01 5.05
N LYS C 177 11.35 13.54 5.29
CA LYS C 177 11.77 14.92 4.90
C LYS C 177 11.79 15.06 3.37
N GLU C 178 12.28 14.06 2.66
CA GLU C 178 12.37 14.07 1.17
C GLU C 178 10.96 14.27 0.60
N ASN C 179 10.00 13.54 1.14
CA ASN C 179 8.60 13.44 0.63
C ASN C 179 7.85 14.75 0.89
N ILE C 180 8.12 15.42 2.00
CA ILE C 180 7.39 16.64 2.48
C ILE C 180 7.94 17.88 1.73
N MET C 181 9.16 17.79 1.20
CA MET C 181 9.80 18.90 0.41
C MET C 181 9.48 18.76 -1.07
N LYS C 182 9.14 17.55 -1.51
CA LYS C 182 8.49 17.30 -2.83
C LYS C 182 7.11 17.97 -2.85
N LEU C 183 6.40 18.04 -1.71
CA LEU C 183 5.08 18.73 -1.62
C LEU C 183 5.28 20.26 -1.66
N SER C 184 6.53 20.74 -1.70
CA SER C 184 6.89 22.18 -1.76
C SER C 184 8.16 22.37 -2.62
N PRO D 22 43.02 -4.16 10.49
CA PRO D 22 42.88 -3.24 9.34
C PRO D 22 41.88 -3.74 8.28
N ALA D 23 41.62 -2.91 7.27
CA ALA D 23 40.68 -3.21 6.16
C ALA D 23 41.29 -2.70 4.86
N LYS D 24 41.30 -3.54 3.83
CA LYS D 24 42.01 -3.27 2.55
C LYS D 24 40.98 -2.88 1.52
N PRO D 25 41.42 -2.30 0.38
CA PRO D 25 40.51 -2.07 -0.74
C PRO D 25 39.58 -3.27 -0.99
N LEU D 26 38.47 -3.02 -1.71
CA LEU D 26 37.52 -4.05 -2.19
C LEU D 26 38.00 -4.51 -3.57
N PRO D 27 37.59 -5.70 -4.05
CA PRO D 27 37.69 -6.00 -5.48
C PRO D 27 37.00 -4.88 -6.27
N LYS D 28 37.35 -4.72 -7.55
CA LYS D 28 36.91 -3.60 -8.42
C LYS D 28 35.41 -3.68 -8.68
N GLU D 29 34.94 -4.79 -9.27
CA GLU D 29 33.51 -5.02 -9.62
C GLU D 29 32.66 -4.76 -8.37
N MET D 30 33.15 -5.16 -7.21
CA MET D 30 32.46 -5.02 -5.90
C MET D 30 32.41 -3.55 -5.49
N GLU D 31 33.55 -2.86 -5.50
CA GLU D 31 33.64 -1.40 -5.22
C GLU D 31 32.65 -0.62 -6.09
N GLU D 32 32.66 -0.84 -7.41
CA GLU D 32 31.77 -0.18 -8.41
C GLU D 32 30.31 -0.19 -7.92
N PHE D 33 29.88 -1.32 -7.34
CA PHE D 33 28.50 -1.53 -6.82
C PHE D 33 28.30 -0.69 -5.55
N VAL D 34 29.28 -0.74 -4.65
CA VAL D 34 29.33 0.08 -3.41
C VAL D 34 29.22 1.56 -3.82
N GLN D 35 29.93 1.96 -4.88
CA GLN D 35 29.97 3.35 -5.40
C GLN D 35 28.62 3.74 -6.01
N SER D 36 27.74 2.78 -6.25
CA SER D 36 26.40 2.97 -6.87
C SER D 36 25.35 3.33 -5.82
N SER D 37 25.76 3.34 -4.55
CA SER D 37 24.89 3.58 -3.38
C SER D 37 24.77 5.08 -3.08
N GLY D 38 25.56 5.91 -3.77
CA GLY D 38 25.60 7.36 -3.54
C GLY D 38 25.72 7.65 -2.06
N GLU D 39 24.91 8.57 -1.54
CA GLU D 39 24.90 8.99 -0.11
C GLU D 39 24.01 8.08 0.73
N ASN D 40 23.30 7.11 0.12
CA ASN D 40 22.48 6.13 0.88
C ASN D 40 23.43 5.19 1.61
N GLY D 41 24.46 4.72 0.93
CA GLY D 41 25.49 3.81 1.48
C GLY D 41 25.07 2.37 1.31
N ILE D 42 25.73 1.44 2.00
CA ILE D 42 25.52 -0.03 1.81
C ILE D 42 25.15 -0.70 3.15
N VAL D 43 24.42 -1.80 3.03
CA VAL D 43 24.18 -2.82 4.08
C VAL D 43 24.97 -4.08 3.69
N VAL D 44 25.66 -4.66 4.66
CA VAL D 44 26.39 -5.95 4.48
C VAL D 44 25.66 -7.00 5.31
N PHE D 45 25.41 -8.16 4.69
CA PHE D 45 24.81 -9.37 5.30
C PHE D 45 25.80 -10.53 5.06
N SER D 46 26.53 -10.91 6.11
CA SER D 46 27.67 -11.88 6.06
C SER D 46 27.86 -12.54 7.43
N LEU D 47 27.92 -13.89 7.49
CA LEU D 47 27.87 -14.79 6.35
C LEU D 47 26.44 -15.20 5.99
N GLY D 48 25.50 -15.17 6.93
CA GLY D 48 24.16 -15.75 6.69
C GLY D 48 24.29 -17.15 6.15
N SER D 49 25.14 -17.96 6.80
CA SER D 49 25.54 -19.34 6.44
C SER D 49 24.40 -20.31 6.69
N MET D 50 23.43 -19.91 7.52
CA MET D 50 22.32 -20.75 8.00
C MET D 50 21.03 -20.41 7.24
N ILE D 51 21.13 -19.56 6.22
CA ILE D 51 19.96 -19.20 5.36
C ILE D 51 19.63 -20.41 4.49
N SER D 52 20.62 -21.11 3.94
CA SER D 52 20.42 -22.36 3.16
C SER D 52 19.57 -23.33 3.97
N ASN D 53 19.82 -23.44 5.28
CA ASN D 53 19.18 -24.46 6.17
C ASN D 53 17.91 -23.89 6.82
N MET D 54 17.25 -22.95 6.15
CA MET D 54 15.90 -22.41 6.49
C MET D 54 15.03 -22.49 5.23
N SER D 55 13.73 -22.25 5.36
CA SER D 55 12.75 -22.35 4.23
C SER D 55 13.09 -21.34 3.14
N GLU D 56 12.59 -21.55 1.91
CA GLU D 56 12.55 -20.54 0.82
C GLU D 56 11.87 -19.25 1.31
N GLU D 57 10.80 -19.39 2.12
CA GLU D 57 9.91 -18.25 2.50
C GLU D 57 10.63 -17.29 3.45
N SER D 58 11.55 -17.81 4.27
CA SER D 58 12.38 -17.03 5.22
C SER D 58 13.26 -16.07 4.43
N ALA D 59 13.96 -16.59 3.42
CA ALA D 59 14.83 -15.83 2.50
C ALA D 59 14.00 -14.80 1.72
N ASN D 60 12.79 -15.15 1.28
CA ASN D 60 11.91 -14.25 0.49
C ASN D 60 11.44 -13.11 1.41
N MET D 61 11.12 -13.41 2.67
CA MET D 61 10.69 -12.43 3.70
C MET D 61 11.87 -11.47 3.99
N ILE D 62 13.08 -12.02 4.11
CA ILE D 62 14.31 -11.19 4.31
C ILE D 62 14.55 -10.32 3.08
N ALA D 63 14.51 -10.88 1.86
CA ALA D 63 14.81 -10.13 0.61
C ALA D 63 13.83 -8.94 0.47
N SER D 64 12.53 -9.19 0.72
CA SER D 64 11.42 -8.20 0.69
C SER D 64 11.75 -7.00 1.58
N ALA D 65 12.37 -7.25 2.74
CA ALA D 65 12.75 -6.18 3.70
C ALA D 65 13.94 -5.40 3.11
N LEU D 66 14.95 -6.12 2.59
CA LEU D 66 16.22 -5.57 2.05
C LEU D 66 15.95 -4.76 0.77
N ALA D 67 14.94 -5.16 -0.01
CA ALA D 67 14.51 -4.47 -1.25
C ALA D 67 13.94 -3.08 -0.91
N GLN D 68 13.28 -2.94 0.24
CA GLN D 68 12.48 -1.73 0.65
C GLN D 68 13.37 -0.69 1.36
N ILE D 69 14.70 -0.76 1.24
CA ILE D 69 15.63 0.29 1.77
C ILE D 69 16.44 0.90 0.63
N PRO D 70 16.69 2.23 0.67
CA PRO D 70 17.41 2.92 -0.41
C PRO D 70 18.90 2.56 -0.50
N GLN D 71 19.40 1.81 0.49
CA GLN D 71 20.80 1.34 0.58
C GLN D 71 20.96 0.19 -0.40
N LYS D 72 22.15 0.09 -1.00
CA LYS D 72 22.63 -1.13 -1.72
C LYS D 72 22.94 -2.24 -0.71
N VAL D 73 22.55 -3.46 -1.05
CA VAL D 73 22.73 -4.63 -0.15
C VAL D 73 23.70 -5.59 -0.84
N LEU D 74 24.75 -6.00 -0.12
CA LEU D 74 25.60 -7.16 -0.50
C LEU D 74 25.36 -8.28 0.52
N TRP D 75 24.68 -9.31 0.04
CA TRP D 75 24.20 -10.47 0.81
C TRP D 75 25.05 -11.67 0.41
N ARG D 76 25.68 -12.29 1.41
CA ARG D 76 26.55 -13.49 1.27
C ARG D 76 25.59 -14.70 1.26
N PHE D 77 25.49 -15.36 0.10
CA PHE D 77 24.34 -16.22 -0.28
C PHE D 77 24.79 -17.26 -1.30
N ASP D 78 24.33 -18.52 -1.16
CA ASP D 78 24.77 -19.66 -2.02
C ASP D 78 23.63 -20.62 -2.39
N GLY D 79 22.39 -20.39 -1.91
CA GLY D 79 21.21 -21.23 -2.25
C GLY D 79 20.47 -20.76 -3.51
N LYS D 80 19.15 -20.95 -3.57
CA LYS D 80 18.25 -20.53 -4.70
C LYS D 80 17.99 -19.02 -4.60
N LYS D 81 18.02 -18.30 -5.74
CA LYS D 81 17.74 -16.85 -5.80
C LYS D 81 16.35 -16.61 -5.22
N PRO D 82 16.20 -15.74 -4.19
CA PRO D 82 14.88 -15.36 -3.67
C PRO D 82 14.12 -14.59 -4.75
N ASN D 83 12.85 -14.96 -4.98
CA ASN D 83 11.98 -14.36 -6.04
C ASN D 83 11.35 -13.06 -5.53
N THR D 84 11.85 -12.53 -4.40
CA THR D 84 11.52 -11.18 -3.89
C THR D 84 12.79 -10.33 -3.77
N LEU D 85 13.90 -10.73 -4.43
CA LEU D 85 15.18 -9.98 -4.47
C LEU D 85 14.97 -8.62 -5.14
N GLY D 86 15.51 -7.55 -4.55
CA GLY D 86 15.44 -6.18 -5.09
C GLY D 86 16.60 -5.88 -6.05
N SER D 87 16.52 -4.75 -6.75
CA SER D 87 17.57 -4.17 -7.65
C SER D 87 18.69 -3.55 -6.80
N ASN D 88 18.36 -3.12 -5.57
CA ASN D 88 19.32 -2.66 -4.54
C ASN D 88 20.26 -3.82 -4.17
N THR D 89 19.75 -5.05 -4.13
CA THR D 89 20.36 -6.20 -3.42
C THR D 89 21.09 -7.12 -4.41
N ARG D 90 22.36 -7.44 -4.14
CA ARG D 90 23.19 -8.39 -4.95
C ARG D 90 23.68 -9.56 -4.07
N LEU D 91 23.61 -10.78 -4.64
CA LEU D 91 23.97 -12.10 -4.02
C LEU D 91 25.40 -12.50 -4.41
N TYR D 92 26.19 -12.92 -3.43
CA TYR D 92 27.63 -13.30 -3.59
C TYR D 92 27.91 -14.58 -2.80
N LYS D 93 28.45 -15.60 -3.47
CA LYS D 93 28.92 -16.87 -2.85
C LYS D 93 30.11 -16.60 -1.91
N TRP D 94 30.88 -15.52 -2.12
CA TRP D 94 31.96 -15.07 -1.20
C TRP D 94 31.96 -13.54 -1.06
N LEU D 95 32.15 -13.03 0.16
CA LEU D 95 32.33 -11.57 0.43
C LEU D 95 33.56 -11.32 1.30
N PRO D 96 34.28 -10.21 1.09
CA PRO D 96 35.32 -9.75 2.01
C PRO D 96 34.69 -9.00 3.20
N GLN D 97 34.03 -9.74 4.08
CA GLN D 97 33.18 -9.18 5.15
C GLN D 97 33.89 -7.98 5.76
N ASN D 98 35.16 -8.18 6.16
CA ASN D 98 35.99 -7.20 6.91
C ASN D 98 36.27 -5.96 6.04
N ASP D 99 36.70 -6.17 4.79
CA ASP D 99 37.01 -5.02 3.91
C ASP D 99 35.77 -4.16 3.72
N LEU D 100 34.60 -4.79 3.57
CA LEU D 100 33.27 -4.11 3.40
C LEU D 100 32.89 -3.37 4.68
N LEU D 101 32.87 -4.06 5.82
CA LEU D 101 32.66 -3.40 7.15
C LEU D 101 33.65 -2.22 7.29
N GLY D 102 34.85 -2.33 6.70
CA GLY D 102 35.87 -1.26 6.67
C GLY D 102 35.47 -0.08 5.80
N HIS D 103 34.51 -0.25 4.89
CA HIS D 103 34.15 0.76 3.87
C HIS D 103 33.40 1.90 4.53
N PRO D 104 33.71 3.17 4.18
CA PRO D 104 33.02 4.34 4.75
C PRO D 104 31.59 4.61 4.24
N LYS D 105 31.01 3.72 3.45
CA LYS D 105 29.62 3.81 2.96
C LYS D 105 28.74 2.76 3.64
N THR D 106 29.32 1.99 4.58
CA THR D 106 28.65 0.89 5.31
C THR D 106 27.84 1.50 6.45
N LYS D 107 26.55 1.19 6.50
CA LYS D 107 25.57 1.82 7.43
C LYS D 107 25.09 0.81 8.45
N ALA D 108 24.99 -0.47 8.08
CA ALA D 108 24.54 -1.55 9.00
C ALA D 108 25.26 -2.84 8.68
N PHE D 109 25.17 -3.81 9.58
CA PHE D 109 25.67 -5.18 9.39
C PHE D 109 24.56 -6.15 9.79
N ILE D 110 24.20 -7.05 8.89
CA ILE D 110 23.22 -8.14 9.16
C ILE D 110 24.02 -9.43 9.33
N THR D 111 23.83 -10.11 10.46
CA THR D 111 24.58 -11.35 10.77
C THR D 111 23.67 -12.28 11.57
N HIS D 112 23.96 -13.58 11.59
CA HIS D 112 23.27 -14.57 12.47
C HIS D 112 23.62 -14.27 13.94
N GLY D 113 24.86 -13.84 14.21
CA GLY D 113 25.36 -13.40 15.53
C GLY D 113 26.49 -14.27 16.06
N GLY D 114 27.32 -14.80 15.15
CA GLY D 114 28.56 -15.50 15.50
C GLY D 114 29.56 -14.52 16.07
N THR D 115 30.24 -14.91 17.14
CA THR D 115 31.30 -14.10 17.80
C THR D 115 32.17 -13.43 16.73
N ASN D 116 32.49 -14.10 15.62
CA ASN D 116 33.57 -13.64 14.68
C ASN D 116 33.14 -12.38 13.91
N GLY D 117 31.88 -12.32 13.43
CA GLY D 117 31.38 -11.15 12.69
C GLY D 117 31.21 -9.96 13.61
N ILE D 118 30.73 -10.23 14.83
CA ILE D 118 30.43 -9.21 15.88
C ILE D 118 31.71 -8.48 16.32
N TYR D 119 32.87 -9.16 16.26
CA TYR D 119 34.18 -8.54 16.56
C TYR D 119 34.49 -7.46 15.52
N GLU D 120 34.40 -7.82 14.24
CA GLU D 120 34.71 -6.90 13.10
C GLU D 120 33.69 -5.77 13.11
N ALA D 121 32.41 -6.10 13.28
CA ALA D 121 31.34 -5.10 13.43
C ALA D 121 31.81 -4.07 14.46
N ILE D 122 32.21 -4.56 15.64
CA ILE D 122 32.62 -3.69 16.79
C ILE D 122 33.86 -2.91 16.37
N TYR D 123 34.88 -3.57 15.83
CA TYR D 123 36.16 -2.92 15.46
C TYR D 123 35.91 -1.69 14.60
N HIS D 124 35.13 -1.87 13.54
CA HIS D 124 34.82 -0.87 12.48
C HIS D 124 33.65 0.04 12.88
N GLY D 125 32.98 -0.22 14.01
CA GLY D 125 31.92 0.65 14.56
C GLY D 125 30.65 0.62 13.71
N ILE D 126 30.20 -0.59 13.36
CA ILE D 126 29.08 -0.82 12.40
C ILE D 126 27.92 -1.48 13.16
N PRO D 127 26.79 -0.76 13.35
CA PRO D 127 25.66 -1.29 14.12
C PRO D 127 24.95 -2.39 13.31
N MET D 128 24.23 -3.29 13.98
CA MET D 128 23.83 -4.60 13.40
C MET D 128 22.35 -4.90 13.62
N VAL D 129 21.78 -5.67 12.70
CA VAL D 129 20.52 -6.43 12.89
C VAL D 129 20.86 -7.92 12.91
N GLY D 130 20.61 -8.55 14.06
CA GLY D 130 20.78 -10.00 14.29
C GLY D 130 19.59 -10.77 13.74
N ILE D 131 19.86 -11.96 13.22
CA ILE D 131 18.84 -12.97 12.85
C ILE D 131 19.32 -14.32 13.38
N PRO D 132 19.37 -14.52 14.73
CA PRO D 132 19.96 -15.72 15.31
C PRO D 132 19.09 -16.98 15.19
N LEU D 133 19.72 -18.16 15.28
CA LEU D 133 19.07 -19.52 15.26
C LEU D 133 19.56 -20.41 16.40
N PHE D 134 20.72 -20.12 17.01
CA PHE D 134 21.31 -20.89 18.14
C PHE D 134 21.56 -19.99 19.34
N ALA D 135 21.76 -20.64 20.49
CA ALA D 135 21.93 -20.06 21.85
C ALA D 135 23.02 -19.00 21.82
N ASP D 136 24.23 -19.37 21.40
CA ASP D 136 25.39 -18.45 21.37
C ASP D 136 24.97 -17.23 20.55
N GLN D 137 24.44 -17.45 19.34
CA GLN D 137 23.94 -16.40 18.40
C GLN D 137 22.91 -15.48 19.11
N HIS D 138 21.91 -16.08 19.76
CA HIS D 138 20.87 -15.35 20.54
C HIS D 138 21.51 -14.52 21.66
N ASP D 139 22.43 -15.11 22.43
CA ASP D 139 23.05 -14.43 23.59
C ASP D 139 23.87 -13.24 23.08
N ASN D 140 24.66 -13.45 22.03
CA ASN D 140 25.59 -12.44 21.45
C ASN D 140 24.80 -11.22 21.00
N ILE D 141 23.69 -11.44 20.26
CA ILE D 141 22.75 -10.40 19.75
C ILE D 141 22.02 -9.70 20.91
N ALA D 142 21.58 -10.44 21.92
CA ALA D 142 20.90 -9.90 23.13
C ALA D 142 21.87 -8.97 23.88
N HIS D 143 23.15 -9.32 23.91
CA HIS D 143 24.22 -8.53 24.58
C HIS D 143 24.40 -7.21 23.84
N MET D 144 24.54 -7.27 22.51
CA MET D 144 24.77 -6.10 21.62
C MET D 144 23.53 -5.20 21.66
N LYS D 145 22.34 -5.79 21.69
CA LYS D 145 21.03 -5.08 21.83
C LYS D 145 21.00 -4.34 23.16
N ALA D 146 21.38 -5.01 24.25
CA ALA D 146 21.41 -4.42 25.61
C ALA D 146 22.41 -3.24 25.65
N LYS D 147 23.49 -3.27 24.86
CA LYS D 147 24.47 -2.15 24.75
C LYS D 147 24.06 -1.17 23.64
N GLY D 148 22.80 -1.21 23.19
CA GLY D 148 22.25 -0.31 22.16
C GLY D 148 23.03 -0.36 20.85
N ALA D 149 23.73 -1.46 20.57
CA ALA D 149 24.62 -1.62 19.39
C ALA D 149 23.95 -2.46 18.31
N ALA D 150 22.74 -2.97 18.56
CA ALA D 150 21.98 -3.83 17.63
C ALA D 150 20.48 -3.79 17.94
N LEU D 151 19.69 -4.19 16.94
CA LEU D 151 18.35 -4.78 17.09
C LEU D 151 18.41 -6.24 16.60
N SER D 152 17.44 -7.06 17.01
CA SER D 152 17.30 -8.50 16.67
C SER D 152 15.96 -8.72 15.97
N VAL D 153 15.78 -9.86 15.31
CA VAL D 153 14.47 -10.27 14.73
C VAL D 153 14.41 -11.80 14.66
N ASP D 154 13.28 -12.35 14.19
CA ASP D 154 12.90 -13.79 14.03
C ASP D 154 12.96 -14.48 15.40
N ILE D 155 13.21 -15.80 15.43
CA ILE D 155 12.97 -16.65 16.62
C ILE D 155 11.45 -16.63 16.87
N ARG D 156 10.97 -15.60 17.57
CA ARG D 156 9.53 -15.33 17.83
C ARG D 156 8.90 -14.79 16.55
N THR D 157 8.27 -15.67 15.77
CA THR D 157 7.55 -15.29 14.54
C THR D 157 8.55 -14.49 13.70
N MET D 158 8.17 -13.28 13.27
CA MET D 158 8.90 -12.38 12.34
C MET D 158 8.01 -12.13 11.11
N SER D 159 7.92 -10.86 10.69
CA SER D 159 7.39 -10.42 9.38
C SER D 159 8.48 -9.64 8.64
N SER D 160 8.38 -9.48 7.32
CA SER D 160 9.31 -8.62 6.53
C SER D 160 9.35 -7.21 7.15
N ARG D 161 8.22 -6.73 7.69
CA ARG D 161 8.09 -5.36 8.25
C ARG D 161 8.93 -5.22 9.53
N ASP D 162 8.95 -6.25 10.38
CA ASP D 162 9.79 -6.30 11.61
C ASP D 162 11.26 -6.04 11.22
N LEU D 163 11.79 -6.78 10.25
CA LEU D 163 13.20 -6.66 9.80
C LEU D 163 13.40 -5.26 9.19
N LEU D 164 12.49 -4.86 8.30
CA LEU D 164 12.55 -3.56 7.58
C LEU D 164 12.71 -2.43 8.60
N ASN D 165 11.79 -2.38 9.58
CA ASN D 165 11.75 -1.37 10.68
C ASN D 165 13.07 -1.44 11.43
N ALA D 166 13.51 -2.65 11.80
CA ALA D 166 14.81 -2.88 12.46
C ALA D 166 15.94 -2.25 11.64
N LEU D 167 15.94 -2.41 10.31
CA LEU D 167 17.01 -1.92 9.40
C LEU D 167 17.02 -0.39 9.37
N LYS D 168 15.85 0.21 9.11
CA LYS D 168 15.69 1.69 9.00
C LYS D 168 16.12 2.35 10.32
N SER D 169 15.82 1.73 11.46
CA SER D 169 16.26 2.21 12.80
C SER D 169 17.78 2.31 12.82
N VAL D 170 18.48 1.16 12.78
CA VAL D 170 19.97 1.05 12.96
C VAL D 170 20.70 1.86 11.86
N ILE D 171 20.24 1.81 10.61
CA ILE D 171 20.81 2.59 9.47
C ILE D 171 20.73 4.08 9.80
N ASN D 172 19.56 4.60 10.21
CA ASN D 172 19.26 6.05 10.15
C ASN D 172 19.34 6.74 11.52
N ASP D 173 19.10 6.05 12.62
CA ASP D 173 19.07 6.64 13.98
C ASP D 173 20.48 6.58 14.55
N PRO D 174 21.20 7.71 14.63
CA PRO D 174 22.65 7.70 14.89
C PRO D 174 23.09 7.15 16.25
N ILE D 175 22.14 6.81 17.14
CA ILE D 175 22.43 6.35 18.52
C ILE D 175 23.07 4.96 18.46
N TYR D 176 22.59 4.08 17.57
CA TYR D 176 23.10 2.68 17.47
C TYR D 176 24.58 2.72 17.03
N LYS D 177 24.95 3.67 16.15
CA LYS D 177 26.35 3.81 15.69
C LYS D 177 27.19 4.51 16.78
N GLU D 178 26.62 5.47 17.52
CA GLU D 178 27.26 6.07 18.72
C GLU D 178 27.67 4.94 19.66
N ASN D 179 26.72 4.03 19.93
CA ASN D 179 26.84 2.96 20.94
C ASN D 179 27.89 1.93 20.51
N ILE D 180 27.78 1.35 19.31
CA ILE D 180 28.78 0.35 18.80
C ILE D 180 30.19 0.96 18.90
N MET D 181 30.29 2.29 18.85
CA MET D 181 31.56 3.07 18.79
C MET D 181 32.02 3.52 20.18
N LYS D 182 31.25 3.21 21.23
CA LYS D 182 31.70 3.28 22.65
C LYS D 182 32.30 1.92 23.03
N LEU D 183 31.96 0.87 22.28
CA LEU D 183 32.57 -0.48 22.44
C LEU D 183 33.89 -0.56 21.67
N SER D 184 34.39 0.56 21.13
CA SER D 184 35.64 0.65 20.33
C SER D 184 36.09 2.12 20.25
O1 TLA E . -20.56 -4.47 -9.91
O11 TLA E . -19.69 -3.59 -8.04
C1 TLA E . -19.64 -4.33 -9.05
C2 TLA E . -18.37 -5.11 -9.21
O2 TLA E . -18.10 -5.86 -7.99
C3 TLA E . -17.21 -4.17 -9.48
O3 TLA E . -17.69 -3.03 -10.19
C4 TLA E . -16.57 -3.84 -8.15
O4 TLA E . -16.64 -2.68 -7.68
O41 TLA E . -15.97 -4.79 -7.55
O1 TLA F . -14.45 -9.60 -14.39
O11 TLA F . -16.33 -10.01 -13.31
C1 TLA F . -15.10 -9.78 -13.33
C2 TLA F . -14.39 -9.73 -12.01
O2 TLA F . -12.97 -9.62 -12.24
C3 TLA F . -14.68 -11.02 -11.25
O3 TLA F . -14.48 -12.11 -12.16
C4 TLA F . -13.84 -11.17 -9.99
O4 TLA F . -12.69 -11.67 -10.02
O41 TLA F . -14.29 -10.78 -8.93
O1 TLA G . -2.23 20.75 16.82
O11 TLA G . -4.02 21.51 17.81
C1 TLA G . -3.38 21.23 16.76
C2 TLA G . -4.01 21.43 15.40
O2 TLA G . -3.90 20.16 14.75
C3 TLA G . -3.36 22.43 14.43
O3 TLA G . -4.33 23.25 13.72
C4 TLA G . -2.43 23.32 15.16
O4 TLA G . -1.21 23.31 14.89
O41 TLA G . -2.92 24.04 16.02
O1 TLA H . 26.53 -16.70 9.16
O11 TLA H . 25.98 -14.72 9.74
C1 TLA H . 26.65 -15.74 9.95
C2 TLA H . 27.57 -15.79 11.14
O2 TLA H . 27.16 -14.87 12.13
C3 TLA H . 29.01 -15.51 10.72
O3 TLA H . 29.07 -14.33 9.89
C4 TLA H . 29.88 -15.41 11.95
O4 TLA H . 29.88 -16.44 12.66
O41 TLA H . 30.56 -14.38 12.24
#